data_3EAG
#
_entry.id   3EAG
#
_cell.length_a   65.497
_cell.length_b   83.800
_cell.length_c   143.838
_cell.angle_alpha   90.00
_cell.angle_beta   90.00
_cell.angle_gamma   90.00
#
_symmetry.space_group_name_H-M   'P 21 21 21'
#
loop_
_entity.id
_entity.type
_entity.pdbx_description
1 polymer 'UDP-N-acetylmuramate:L-alanyl-gamma-D-glutamyl-meso-diaminopimelate ligase'
2 non-polymer GLYCEROL
3 water water
#
_entity_poly.entity_id   1
_entity_poly.type   'polypeptide(L)'
_entity_poly.pdbx_seq_one_letter_code
;SNA(MSE)KHIHIIGIGGTF(MSE)GGLAAIAKEAGFEVSGCDAK(MSE)YPP(MSE)STQLEALGIDVYEGFDAAQLDE
FKADVYVIGNVAKRG(MSE)DVVEAILNLGLPYISGPQWLSENVLHHHWVLGVAGTHGKTTTAS(MSE)LAWVLEYAGLA
PGFLIGGVPENFGVSARLPQTPRQDPNSQSPFFVIEADEYDTAFFDKRSKFVHYRPRTAVLNNLEFDHADIFADLGAIQT
QFHYLVRTVPSEGLIVCNGRQQSLQDTLDKGCWTPVEKFGTEHGWQAGEANADGSFDVLLDGKTAGRVKWDL(MSE)GRH
NR(MSE)NALAVIAAARHVGVDIQTACEALGAFKNVKR
;
_entity_poly.pdbx_strand_id   A,B
#
loop_
_chem_comp.id
_chem_comp.type
_chem_comp.name
_chem_comp.formula
GOL non-polymer GLYCEROL 'C3 H8 O3'
#
# COMPACT_ATOMS: atom_id res chain seq x y z
N ALA A 3 12.86 -18.50 18.18
CA ALA A 3 13.84 -17.60 17.52
C ALA A 3 13.04 -16.51 16.77
N MSE A 4 13.72 -15.65 16.00
CA MSE A 4 12.98 -14.58 15.33
C MSE A 4 12.30 -15.07 14.09
O MSE A 4 12.50 -16.20 13.68
CB MSE A 4 13.82 -13.32 15.09
CG MSE A 4 12.96 -12.04 15.05
SE MSE A 4 13.98 -10.61 15.83
CE MSE A 4 12.95 -9.04 15.23
N LYS A 5 11.45 -14.23 13.52
CA LYS A 5 10.65 -14.63 12.39
C LYS A 5 11.49 -15.02 11.17
N HIS A 6 10.89 -15.83 10.33
CA HIS A 6 11.54 -16.30 9.12
C HIS A 6 10.84 -15.64 7.92
N ILE A 7 11.61 -14.93 7.12
CA ILE A 7 11.08 -14.35 5.92
C ILE A 7 11.66 -15.03 4.70
N HIS A 8 10.84 -15.23 3.69
CA HIS A 8 11.29 -15.86 2.47
C HIS A 8 11.06 -14.87 1.31
N ILE A 9 12.16 -14.45 0.72
CA ILE A 9 12.13 -13.44 -0.32
C ILE A 9 11.95 -14.07 -1.70
N ILE A 10 10.83 -13.82 -2.35
CA ILE A 10 10.64 -14.25 -3.72
C ILE A 10 11.27 -13.18 -4.64
N GLY A 11 12.38 -13.58 -5.24
CA GLY A 11 13.10 -12.70 -6.14
C GLY A 11 14.21 -12.04 -5.37
N ILE A 12 15.16 -12.83 -4.90
CA ILE A 12 16.17 -12.34 -3.93
C ILE A 12 17.46 -11.90 -4.57
N GLY A 13 17.56 -12.06 -5.89
CA GLY A 13 18.67 -11.53 -6.69
C GLY A 13 18.52 -10.03 -6.86
N GLY A 14 19.59 -9.40 -7.33
CA GLY A 14 19.59 -7.95 -7.48
C GLY A 14 19.97 -7.24 -6.19
N THR A 15 20.61 -6.07 -6.33
CA THR A 15 21.09 -5.29 -5.20
C THR A 15 20.03 -4.83 -4.19
N PHE A 16 18.84 -4.44 -4.66
CA PHE A 16 17.81 -3.98 -3.73
C PHE A 16 17.29 -5.09 -2.80
N MSE A 17 16.94 -6.23 -3.36
CA MSE A 17 16.46 -7.30 -2.55
C MSE A 17 17.60 -8.01 -1.79
O MSE A 17 17.41 -8.50 -0.67
CB MSE A 17 15.65 -8.27 -3.40
CG MSE A 17 14.40 -8.72 -2.65
SE MSE A 17 13.16 -7.25 -2.51
CE MSE A 17 11.74 -8.21 -1.68
N GLY A 18 18.78 -8.04 -2.37
CA GLY A 18 19.93 -8.56 -1.68
C GLY A 18 20.33 -7.70 -0.51
N GLY A 19 20.35 -6.39 -0.73
CA GLY A 19 20.52 -5.44 0.37
C GLY A 19 19.49 -5.57 1.48
N LEU A 20 18.23 -5.79 1.09
CA LEU A 20 17.15 -6.00 2.05
C LEU A 20 17.42 -7.25 2.86
N ALA A 21 17.97 -8.26 2.22
CA ALA A 21 18.23 -9.49 2.92
C ALA A 21 19.37 -9.31 3.94
N ALA A 22 20.39 -8.54 3.58
CA ALA A 22 21.47 -8.26 4.51
C ALA A 22 20.93 -7.54 5.75
N ILE A 23 20.06 -6.57 5.53
CA ILE A 23 19.52 -5.80 6.63
C ILE A 23 18.66 -6.66 7.54
N ALA A 24 17.80 -7.46 6.92
CA ALA A 24 16.94 -8.37 7.64
C ALA A 24 17.80 -9.26 8.45
N LYS A 25 18.80 -9.85 7.81
CA LYS A 25 19.76 -10.68 8.52
C LYS A 25 20.31 -10.04 9.77
N GLU A 26 20.79 -8.80 9.65
CA GLU A 26 21.45 -8.08 10.72
C GLU A 26 20.44 -7.63 11.79
N ALA A 27 19.17 -7.52 11.41
CA ALA A 27 18.12 -7.14 12.37
C ALA A 27 17.65 -8.33 13.20
N GLY A 28 18.29 -9.49 13.01
CA GLY A 28 17.91 -10.68 13.74
C GLY A 28 16.94 -11.64 13.04
N PHE A 29 16.49 -11.32 11.83
CA PHE A 29 15.61 -12.26 11.09
C PHE A 29 16.32 -13.47 10.46
N GLU A 30 15.65 -14.62 10.48
CA GLU A 30 16.00 -15.72 9.61
C GLU A 30 15.56 -15.38 8.16
N VAL A 31 16.47 -15.49 7.21
CA VAL A 31 16.17 -15.06 5.87
C VAL A 31 16.50 -16.17 4.89
N SER A 32 15.57 -16.43 3.97
CA SER A 32 15.90 -17.26 2.81
C SER A 32 15.19 -16.67 1.63
N GLY A 33 15.40 -17.23 0.43
CA GLY A 33 14.67 -16.69 -0.72
C GLY A 33 14.87 -17.52 -1.95
N CYS A 34 14.33 -17.08 -3.08
CA CYS A 34 14.55 -17.85 -4.27
C CYS A 34 14.75 -16.86 -5.36
N ASP A 35 15.34 -17.32 -6.44
CA ASP A 35 15.48 -16.55 -7.66
C ASP A 35 15.95 -17.46 -8.81
N ALA A 36 16.09 -16.88 -10.00
CA ALA A 36 16.67 -17.61 -11.14
C ALA A 36 18.12 -17.86 -10.77
N LYS A 37 18.75 -18.82 -11.45
CA LYS A 37 20.16 -19.14 -11.21
C LYS A 37 21.01 -17.87 -11.03
N MSE A 38 21.59 -17.72 -9.85
CA MSE A 38 22.40 -16.56 -9.50
C MSE A 38 23.88 -16.87 -9.62
O MSE A 38 24.25 -18.04 -9.69
CB MSE A 38 22.09 -16.12 -8.07
CG MSE A 38 21.08 -15.00 -7.98
SE MSE A 38 20.76 -14.76 -6.11
CE MSE A 38 19.53 -16.22 -5.94
N TYR A 39 24.70 -15.83 -9.62
CA TYR A 39 26.14 -15.93 -9.89
C TYR A 39 26.94 -15.03 -8.96
N PRO A 40 28.26 -15.27 -8.84
CA PRO A 40 29.12 -14.35 -8.12
C PRO A 40 29.07 -12.95 -8.73
N PRO A 41 29.15 -11.91 -7.89
CA PRO A 41 29.50 -12.03 -6.46
C PRO A 41 28.25 -12.18 -5.55
N MSE A 42 27.09 -11.79 -6.05
CA MSE A 42 25.85 -11.95 -5.31
C MSE A 42 25.60 -13.33 -4.68
O MSE A 42 25.18 -13.40 -3.52
CB MSE A 42 24.65 -11.50 -6.15
CG MSE A 42 24.07 -10.16 -5.67
SE MSE A 42 23.30 -10.36 -3.83
CE MSE A 42 21.37 -10.37 -4.32
N SER A 43 25.88 -14.42 -5.39
CA SER A 43 25.55 -15.73 -4.83
C SER A 43 26.39 -16.02 -3.59
N THR A 44 27.68 -15.68 -3.64
CA THR A 44 28.59 -15.89 -2.50
C THR A 44 28.37 -14.93 -1.33
N GLN A 45 27.89 -13.72 -1.61
CA GLN A 45 27.47 -12.78 -0.57
C GLN A 45 26.29 -13.29 0.24
N LEU A 46 25.34 -13.88 -0.46
CA LEU A 46 24.22 -14.51 0.22
C LEU A 46 24.61 -15.77 1.00
N GLU A 47 25.59 -16.51 0.48
CA GLU A 47 26.19 -17.64 1.20
C GLU A 47 26.93 -17.17 2.45
N ALA A 48 27.82 -16.20 2.33
CA ALA A 48 28.52 -15.65 3.49
C ALA A 48 27.56 -15.21 4.62
N LEU A 49 26.38 -14.70 4.27
CA LEU A 49 25.40 -14.35 5.28
C LEU A 49 24.57 -15.55 5.80
N GLY A 50 24.74 -16.71 5.18
CA GLY A 50 24.05 -17.91 5.61
C GLY A 50 22.63 -17.99 5.11
N ILE A 51 22.35 -17.39 3.95
CA ILE A 51 20.98 -17.31 3.47
C ILE A 51 20.76 -18.41 2.47
N ASP A 52 19.86 -19.35 2.80
CA ASP A 52 19.48 -20.45 1.91
C ASP A 52 18.81 -19.88 0.67
N VAL A 53 19.23 -20.33 -0.51
CA VAL A 53 18.71 -19.75 -1.74
C VAL A 53 18.21 -20.83 -2.71
N TYR A 54 16.91 -20.89 -2.94
CA TYR A 54 16.35 -21.87 -3.83
C TYR A 54 16.43 -21.39 -5.28
N GLU A 55 16.89 -22.25 -6.19
CA GLU A 55 16.96 -21.95 -7.62
C GLU A 55 15.63 -22.20 -8.37
N GLY A 56 15.01 -21.13 -8.85
CA GLY A 56 13.76 -21.23 -9.61
C GLY A 56 12.52 -20.81 -8.83
N PHE A 57 11.38 -20.81 -9.51
CA PHE A 57 10.15 -20.31 -8.90
C PHE A 57 9.08 -21.39 -8.76
N ASP A 58 9.52 -22.63 -8.72
CA ASP A 58 8.68 -23.80 -8.56
C ASP A 58 7.94 -23.74 -7.23
N ALA A 59 6.64 -24.05 -7.25
CA ALA A 59 5.84 -24.14 -6.02
C ALA A 59 6.41 -25.13 -5.01
N ALA A 60 6.99 -26.24 -5.49
CA ALA A 60 7.52 -27.25 -4.57
C ALA A 60 8.40 -26.70 -3.45
N GLN A 61 9.03 -25.56 -3.66
CA GLN A 61 9.87 -24.99 -2.62
C GLN A 61 9.07 -24.72 -1.34
N LEU A 62 7.78 -24.42 -1.48
CA LEU A 62 6.92 -24.12 -0.34
C LEU A 62 6.83 -25.29 0.62
N ASP A 63 7.14 -26.50 0.15
CA ASP A 63 7.08 -27.66 1.00
C ASP A 63 8.31 -27.84 1.86
N GLU A 64 9.34 -27.03 1.63
CA GLU A 64 10.56 -27.24 2.39
C GLU A 64 10.42 -26.79 3.82
N PHE A 65 9.57 -25.78 4.05
CA PHE A 65 9.38 -25.15 5.37
C PHE A 65 8.32 -24.04 5.20
N LYS A 66 7.72 -23.61 6.29
CA LYS A 66 6.81 -22.50 6.18
C LYS A 66 7.42 -21.24 6.74
N ALA A 67 7.50 -20.20 5.93
CA ALA A 67 8.02 -18.93 6.39
C ALA A 67 6.89 -18.13 7.10
N ASP A 68 7.23 -17.20 7.98
CA ASP A 68 6.22 -16.39 8.63
C ASP A 68 5.60 -15.40 7.69
N VAL A 69 6.39 -14.92 6.72
CA VAL A 69 5.87 -14.05 5.69
C VAL A 69 6.67 -14.25 4.43
N TYR A 70 6.03 -13.97 3.30
CA TYR A 70 6.67 -14.11 1.98
C TYR A 70 6.86 -12.72 1.45
N VAL A 71 8.12 -12.35 1.23
CA VAL A 71 8.44 -11.01 0.81
C VAL A 71 8.64 -11.01 -0.70
N ILE A 72 7.77 -10.30 -1.40
CA ILE A 72 7.69 -10.42 -2.83
C ILE A 72 8.46 -9.32 -3.52
N GLY A 73 9.47 -9.68 -4.28
CA GLY A 73 10.21 -8.65 -5.02
C GLY A 73 9.60 -8.38 -6.37
N ASN A 74 10.17 -7.40 -7.06
CA ASN A 74 9.71 -6.98 -8.35
C ASN A 74 9.65 -7.98 -9.44
N VAL A 75 10.52 -8.97 -9.38
CA VAL A 75 10.54 -9.92 -10.46
C VAL A 75 9.28 -10.82 -10.39
N ALA A 76 8.65 -10.90 -9.21
CA ALA A 76 7.45 -11.73 -9.07
C ALA A 76 6.30 -11.14 -9.89
N LYS A 77 5.53 -12.03 -10.49
CA LYS A 77 4.35 -11.68 -11.28
C LYS A 77 3.43 -12.90 -11.36
N ARG A 78 2.17 -12.68 -11.72
CA ARG A 78 1.21 -13.77 -11.81
C ARG A 78 1.64 -14.79 -12.88
N GLY A 79 1.26 -16.04 -12.67
CA GLY A 79 1.58 -17.13 -13.58
C GLY A 79 2.79 -17.92 -13.13
N MSE A 80 3.73 -17.21 -12.52
CA MSE A 80 4.85 -17.82 -11.89
C MSE A 80 4.34 -18.80 -10.81
O MSE A 80 3.48 -18.47 -9.98
CB MSE A 80 5.73 -16.69 -11.34
CG MSE A 80 6.83 -17.09 -10.45
SE MSE A 80 7.91 -15.51 -9.93
CE MSE A 80 8.15 -14.82 -11.75
N ASP A 81 4.84 -20.04 -10.87
CA ASP A 81 4.36 -21.13 -10.02
C ASP A 81 4.35 -20.87 -8.49
N VAL A 82 5.42 -20.33 -7.93
CA VAL A 82 5.47 -20.12 -6.48
C VAL A 82 4.49 -19.06 -6.00
N VAL A 83 4.37 -17.99 -6.78
CA VAL A 83 3.36 -16.94 -6.55
C VAL A 83 1.93 -17.48 -6.60
N GLU A 84 1.55 -18.21 -7.66
CA GLU A 84 0.19 -18.80 -7.68
C GLU A 84 -0.14 -19.63 -6.39
N ALA A 85 0.87 -20.34 -5.88
CA ALA A 85 0.67 -21.20 -4.73
C ALA A 85 0.56 -20.37 -3.46
N ILE A 86 1.35 -19.29 -3.37
CA ILE A 86 1.23 -18.38 -2.23
C ILE A 86 -0.20 -17.86 -2.08
N LEU A 87 -0.74 -17.25 -3.14
CA LEU A 87 -2.12 -16.84 -3.17
C LEU A 87 -3.14 -18.00 -2.90
N ASN A 88 -2.95 -19.21 -3.46
CA ASN A 88 -3.98 -20.27 -3.32
C ASN A 88 -4.06 -20.82 -1.90
N LEU A 89 -2.90 -20.91 -1.25
CA LEU A 89 -2.75 -21.41 0.10
C LEU A 89 -2.97 -20.33 1.16
N GLY A 90 -3.20 -19.09 0.73
CA GLY A 90 -3.42 -17.96 1.63
C GLY A 90 -2.23 -17.67 2.52
N LEU A 91 -1.03 -17.91 2.02
CA LEU A 91 0.20 -17.62 2.77
C LEU A 91 0.38 -16.12 2.91
N PRO A 92 0.89 -15.64 4.05
CA PRO A 92 1.09 -14.18 4.17
C PRO A 92 2.14 -13.65 3.19
N TYR A 93 1.88 -12.52 2.56
CA TYR A 93 2.86 -11.96 1.63
C TYR A 93 2.78 -10.44 1.65
N ILE A 94 3.94 -9.83 1.38
CA ILE A 94 4.12 -8.37 1.55
C ILE A 94 5.15 -7.95 0.53
N SER A 95 5.13 -6.69 0.15
CA SER A 95 6.15 -6.21 -0.77
C SER A 95 7.46 -5.94 -0.05
N GLY A 96 8.57 -6.05 -0.77
CA GLY A 96 9.88 -5.65 -0.23
C GLY A 96 9.87 -4.29 0.44
N PRO A 97 9.56 -3.21 -0.31
CA PRO A 97 9.49 -1.88 0.30
C PRO A 97 8.66 -1.76 1.57
N GLN A 98 7.46 -2.33 1.60
CA GLN A 98 6.62 -2.19 2.77
C GLN A 98 7.23 -2.97 3.94
N TRP A 99 7.87 -4.10 3.63
CA TRP A 99 8.45 -4.87 4.70
C TRP A 99 9.61 -4.08 5.29
N LEU A 100 10.43 -3.52 4.40
CA LEU A 100 11.57 -2.75 4.83
C LEU A 100 11.10 -1.57 5.67
N SER A 101 9.96 -1.03 5.32
CA SER A 101 9.47 0.13 6.01
C SER A 101 8.91 -0.19 7.39
N GLU A 102 8.09 -1.23 7.47
CA GLU A 102 7.48 -1.62 8.72
C GLU A 102 8.48 -2.13 9.74
N ASN A 103 9.56 -2.75 9.27
CA ASN A 103 10.49 -3.39 10.21
C ASN A 103 11.77 -2.61 10.52
N VAL A 104 12.05 -1.57 9.73
CA VAL A 104 13.29 -0.84 9.87
C VAL A 104 13.06 0.66 9.71
N LEU A 105 12.61 1.07 8.52
CA LEU A 105 12.63 2.48 8.16
C LEU A 105 11.76 3.40 9.04
N HIS A 106 10.58 2.92 9.44
CA HIS A 106 9.69 3.80 10.21
C HIS A 106 10.24 4.07 11.62
N HIS A 107 11.28 3.32 12.02
CA HIS A 107 11.92 3.55 13.34
C HIS A 107 13.02 4.59 13.25
N HIS A 108 13.28 5.09 12.05
CA HIS A 108 14.46 5.91 11.78
C HIS A 108 14.14 7.28 11.15
N TRP A 109 15.16 8.15 11.17
CA TRP A 109 15.14 9.37 10.41
C TRP A 109 15.60 9.00 8.98
N VAL A 110 14.66 8.91 8.04
CA VAL A 110 15.02 8.47 6.67
C VAL A 110 15.36 9.68 5.80
N LEU A 111 16.54 9.64 5.19
CA LEU A 111 16.93 10.60 4.16
C LEU A 111 16.86 9.87 2.84
N GLY A 112 15.92 10.28 2.00
CA GLY A 112 15.60 9.53 0.78
C GLY A 112 16.08 10.28 -0.43
N VAL A 113 16.80 9.58 -1.30
CA VAL A 113 17.36 10.21 -2.48
C VAL A 113 16.57 9.71 -3.66
N ALA A 114 15.88 10.63 -4.32
CA ALA A 114 15.04 10.30 -5.49
C ALA A 114 15.47 11.07 -6.73
N GLY A 115 14.92 10.65 -7.87
CA GLY A 115 15.24 11.22 -9.16
C GLY A 115 15.31 10.19 -10.27
N THR A 116 15.43 10.68 -11.50
CA THR A 116 15.61 9.84 -12.66
C THR A 116 17.07 9.39 -12.75
N HIS A 117 18.00 10.28 -12.43
CA HIS A 117 19.43 10.01 -12.54
C HIS A 117 20.17 10.39 -11.30
N GLY A 118 21.29 9.70 -11.08
CA GLY A 118 22.23 10.06 -10.05
C GLY A 118 21.87 9.60 -8.67
N LYS A 119 20.80 8.83 -8.55
CA LYS A 119 20.39 8.39 -7.22
C LYS A 119 21.51 7.64 -6.47
N THR A 120 22.18 6.72 -7.16
CA THR A 120 23.20 5.90 -6.55
C THR A 120 24.38 6.74 -6.05
N THR A 121 24.85 7.67 -6.87
CA THR A 121 26.00 8.50 -6.47
C THR A 121 25.64 9.42 -5.32
N THR A 122 24.52 10.11 -5.44
CA THR A 122 24.10 11.09 -4.47
C THR A 122 23.86 10.43 -3.13
N ALA A 123 23.07 9.36 -3.11
CA ALA A 123 22.87 8.57 -1.89
C ALA A 123 24.21 8.12 -1.26
N SER A 124 25.17 7.64 -2.08
CA SER A 124 26.49 7.31 -1.57
C SER A 124 27.21 8.52 -0.93
N MSE A 125 27.30 9.64 -1.67
CA MSE A 125 27.87 10.85 -1.12
C MSE A 125 27.22 11.19 0.23
O MSE A 125 27.90 11.53 1.20
CB MSE A 125 27.70 12.03 -2.06
CG MSE A 125 28.64 12.02 -3.28
SE MSE A 125 28.02 13.43 -4.49
CE MSE A 125 29.38 13.37 -5.86
N LEU A 126 25.89 11.07 0.29
CA LEU A 126 25.15 11.54 1.45
C LEU A 126 25.43 10.65 2.64
N ALA A 127 25.40 9.34 2.40
CA ALA A 127 25.81 8.34 3.38
C ALA A 127 27.20 8.64 3.89
N TRP A 128 28.12 8.95 2.98
CA TRP A 128 29.49 9.19 3.36
C TRP A 128 29.65 10.46 4.19
N VAL A 129 29.02 11.54 3.76
CA VAL A 129 29.03 12.78 4.52
C VAL A 129 28.56 12.49 5.95
N LEU A 130 27.44 11.80 6.09
CA LEU A 130 26.96 11.42 7.42
C LEU A 130 27.96 10.56 8.24
N GLU A 131 28.62 9.61 7.59
CA GLU A 131 29.62 8.79 8.23
C GLU A 131 30.77 9.66 8.66
N TYR A 132 31.20 10.52 7.75
CA TYR A 132 32.36 11.38 7.99
C TYR A 132 32.10 12.26 9.18
N ALA A 133 30.88 12.74 9.35
CA ALA A 133 30.59 13.63 10.46
C ALA A 133 30.43 12.89 11.78
N GLY A 134 30.44 11.56 11.74
CA GLY A 134 30.38 10.75 12.93
C GLY A 134 29.01 10.23 13.23
N LEU A 135 28.13 10.18 12.23
CA LEU A 135 26.73 9.81 12.43
C LEU A 135 26.35 8.35 12.10
N ALA A 136 27.35 7.53 11.75
CA ALA A 136 27.16 6.07 11.54
C ALA A 136 25.80 5.67 10.91
N PRO A 137 25.50 6.19 9.72
CA PRO A 137 24.16 6.01 9.17
C PRO A 137 23.93 4.59 8.65
N GLY A 138 22.68 4.17 8.57
CA GLY A 138 22.38 2.96 7.85
C GLY A 138 22.14 3.35 6.42
N PHE A 139 22.02 2.37 5.53
CA PHE A 139 21.69 2.71 4.19
C PHE A 139 21.34 1.53 3.35
N LEU A 140 20.54 1.76 2.30
CA LEU A 140 20.31 0.76 1.28
C LEU A 140 20.53 1.45 -0.09
N ILE A 141 21.62 1.09 -0.75
CA ILE A 141 21.97 1.80 -1.95
C ILE A 141 22.11 0.77 -3.07
N GLY A 142 21.87 1.18 -4.31
CA GLY A 142 21.95 0.29 -5.46
C GLY A 142 23.34 0.10 -6.03
N GLY A 143 24.34 0.04 -5.17
CA GLY A 143 25.71 -0.32 -5.54
C GLY A 143 26.60 -0.30 -4.29
N VAL A 144 27.88 -0.65 -4.42
CA VAL A 144 28.76 -0.63 -3.24
C VAL A 144 29.60 0.62 -3.25
N PRO A 145 29.31 1.56 -2.33
CA PRO A 145 30.12 2.76 -2.18
C PRO A 145 31.52 2.36 -1.71
N GLU A 146 32.57 2.99 -2.25
CA GLU A 146 33.95 2.57 -1.95
C GLU A 146 34.43 3.00 -0.57
N ASN A 147 33.79 4.03 -0.02
CA ASN A 147 34.05 4.44 1.36
C ASN A 147 33.55 3.42 2.39
N PHE A 148 32.65 2.55 1.95
CA PHE A 148 32.03 1.56 2.83
C PHE A 148 32.33 0.18 2.28
N GLY A 149 32.15 -0.84 3.11
CA GLY A 149 32.35 -2.19 2.58
C GLY A 149 31.17 -2.80 1.82
N VAL A 150 29.99 -2.18 1.91
CA VAL A 150 28.74 -2.91 1.64
C VAL A 150 27.72 -2.05 0.90
N SER A 151 26.69 -2.67 0.34
CA SER A 151 25.65 -1.88 -0.30
C SER A 151 24.51 -1.55 0.65
N ALA A 152 24.43 -2.26 1.77
CA ALA A 152 23.41 -2.01 2.78
C ALA A 152 23.84 -2.41 4.18
N ARG A 153 23.25 -1.76 5.18
CA ARG A 153 23.56 -2.03 6.59
C ARG A 153 22.63 -1.27 7.52
N LEU A 154 22.37 -1.82 8.70
CA LEU A 154 21.69 -1.06 9.74
C LEU A 154 22.53 0.15 10.18
N PRO A 155 21.91 1.13 10.86
CA PRO A 155 22.74 2.17 11.43
C PRO A 155 23.63 1.57 12.49
N GLN A 156 24.87 2.03 12.52
CA GLN A 156 25.86 1.59 13.51
C GLN A 156 25.87 2.55 14.69
N THR A 157 26.85 2.41 15.58
CA THR A 157 26.94 3.25 16.76
C THR A 157 27.75 4.52 16.43
N PRO A 158 27.18 5.71 16.71
CA PRO A 158 27.84 6.98 16.41
C PRO A 158 29.03 7.34 17.31
N ARG A 159 29.93 8.19 16.81
CA ARG A 159 31.15 8.59 17.55
C ARG A 159 30.86 9.19 18.91
N GLN A 160 29.73 9.89 19.03
CA GLN A 160 29.41 10.60 20.26
C GLN A 160 28.60 9.82 21.31
N ASP A 161 27.87 8.80 20.86
CA ASP A 161 27.00 7.99 21.73
C ASP A 161 27.34 6.48 21.59
N PRO A 162 28.56 6.07 21.99
CA PRO A 162 29.00 4.68 21.75
C PRO A 162 28.05 3.61 22.28
N ASN A 163 27.18 3.99 23.22
CA ASN A 163 26.18 3.06 23.73
C ASN A 163 24.82 3.20 23.05
N SER A 164 24.77 3.93 21.94
CA SER A 164 23.53 4.19 21.23
C SER A 164 23.57 3.72 19.78
N GLN A 165 22.39 3.54 19.19
CA GLN A 165 22.27 3.35 17.75
C GLN A 165 21.97 4.70 17.09
N SER A 166 22.52 4.93 15.91
CA SER A 166 22.28 6.17 15.20
C SER A 166 20.87 6.12 14.58
N PRO A 167 20.15 7.24 14.50
CA PRO A 167 18.80 7.15 13.91
C PRO A 167 18.75 7.36 12.37
N PHE A 168 19.87 7.68 11.74
CA PHE A 168 19.88 8.06 10.31
C PHE A 168 19.98 6.90 9.35
N PHE A 169 19.03 6.89 8.41
CA PHE A 169 19.05 5.89 7.37
C PHE A 169 18.93 6.59 6.01
N VAL A 170 19.90 6.34 5.15
CA VAL A 170 19.91 6.89 3.81
C VAL A 170 19.51 5.81 2.79
N ILE A 171 18.45 6.06 2.04
CA ILE A 171 17.98 5.06 1.11
C ILE A 171 17.81 5.69 -0.26
N GLU A 172 18.23 4.95 -1.28
CA GLU A 172 17.98 5.28 -2.67
C GLU A 172 16.47 5.12 -2.92
N ALA A 173 15.76 6.21 -3.23
CA ALA A 173 14.28 6.19 -3.24
C ALA A 173 13.74 5.95 -4.64
N ASP A 174 13.55 4.68 -4.98
CA ASP A 174 13.27 4.33 -6.36
C ASP A 174 11.82 4.70 -6.83
N GLU A 175 11.72 5.11 -8.09
CA GLU A 175 10.44 5.48 -8.68
C GLU A 175 9.71 4.32 -9.39
N TYR A 176 10.38 3.18 -9.60
CA TYR A 176 9.70 2.02 -10.21
C TYR A 176 8.76 1.35 -9.21
N ASP A 177 7.82 0.55 -9.70
CA ASP A 177 6.77 -0.09 -8.87
C ASP A 177 7.25 -0.85 -7.64
N THR A 178 6.41 -0.83 -6.62
CA THR A 178 6.59 -1.64 -5.44
C THR A 178 6.47 -3.16 -5.72
N ALA A 179 5.48 -3.59 -6.49
CA ALA A 179 5.17 -5.01 -6.67
C ALA A 179 4.01 -5.24 -7.63
N PHE A 180 3.85 -6.47 -8.15
CA PHE A 180 2.77 -6.75 -9.07
C PHE A 180 1.36 -6.40 -8.47
N PHE A 181 1.29 -6.26 -7.15
CA PHE A 181 0.05 -5.94 -6.43
C PHE A 181 0.12 -4.54 -5.76
N ASP A 182 1.22 -3.79 -5.95
CA ASP A 182 1.30 -2.41 -5.51
C ASP A 182 1.98 -1.59 -6.58
N LYS A 183 1.17 -0.87 -7.33
CA LYS A 183 1.61 -0.15 -8.52
C LYS A 183 2.30 1.19 -8.19
N ARG A 184 2.21 1.63 -6.93
CA ARG A 184 2.85 2.85 -6.51
C ARG A 184 4.37 2.70 -6.58
N SER A 185 5.09 3.83 -6.58
CA SER A 185 6.54 3.82 -6.55
C SER A 185 7.05 3.35 -5.20
N LYS A 186 8.13 2.56 -5.22
CA LYS A 186 8.73 2.01 -3.99
C LYS A 186 8.81 3.06 -2.90
N PHE A 187 9.05 4.30 -3.29
CA PHE A 187 9.33 5.32 -2.32
C PHE A 187 8.16 5.86 -1.53
N VAL A 188 6.93 5.37 -1.74
CA VAL A 188 5.84 5.91 -0.92
C VAL A 188 5.75 5.25 0.46
N HIS A 189 6.57 4.22 0.67
CA HIS A 189 6.56 3.47 1.93
C HIS A 189 7.60 4.00 2.89
N TYR A 190 8.48 4.88 2.43
CA TYR A 190 9.71 5.19 3.15
C TYR A 190 9.60 6.29 4.19
N ARG A 191 8.63 7.20 3.97
CA ARG A 191 8.37 8.35 4.83
C ARG A 191 9.64 9.15 5.15
N PRO A 192 10.35 9.63 4.11
CA PRO A 192 11.61 10.32 4.41
C PRO A 192 11.35 11.63 5.15
N ARG A 193 12.27 11.99 6.02
CA ARG A 193 12.15 13.24 6.73
C ARG A 193 12.95 14.27 5.93
N THR A 194 13.95 13.77 5.20
CA THR A 194 14.77 14.60 4.34
C THR A 194 14.68 13.97 3.00
N ALA A 195 14.08 14.68 2.06
CA ALA A 195 13.89 14.17 0.69
C ALA A 195 14.71 14.96 -0.31
N VAL A 196 15.56 14.25 -1.05
CA VAL A 196 16.23 14.83 -2.18
C VAL A 196 15.51 14.43 -3.46
N LEU A 197 15.12 15.43 -4.24
CA LEU A 197 14.57 15.23 -5.57
C LEU A 197 15.65 15.68 -6.58
N ASN A 198 16.45 14.72 -7.02
CA ASN A 198 17.64 15.01 -7.81
C ASN A 198 17.34 15.62 -9.16
N ASN A 199 16.35 15.05 -9.85
CA ASN A 199 15.87 15.52 -11.16
C ASN A 199 14.68 14.70 -11.56
N LEU A 200 14.08 15.09 -12.69
CA LEU A 200 12.93 14.41 -13.22
C LEU A 200 12.83 14.58 -14.75
N GLU A 201 13.25 13.55 -15.48
CA GLU A 201 13.00 13.43 -16.92
C GLU A 201 12.17 12.20 -17.21
N PHE A 202 11.45 12.22 -18.33
CA PHE A 202 10.74 11.03 -18.78
C PHE A 202 11.69 10.11 -19.55
N ASP A 203 12.17 9.06 -18.88
CA ASP A 203 13.01 8.00 -19.49
C ASP A 203 12.43 6.59 -19.22
N HIS A 204 11.52 6.48 -18.24
CA HIS A 204 10.79 5.23 -17.93
C HIS A 204 9.63 4.94 -18.91
N ALA A 205 9.91 5.16 -20.21
CA ALA A 205 8.92 5.16 -21.33
C ALA A 205 7.70 4.25 -21.19
N ASP A 206 7.89 3.10 -20.53
CA ASP A 206 6.98 1.96 -20.58
C ASP A 206 6.28 1.66 -19.23
N ILE A 207 7.01 1.79 -18.12
CA ILE A 207 6.46 1.60 -16.77
C ILE A 207 5.45 2.71 -16.43
N PHE A 208 5.66 3.87 -17.07
CA PHE A 208 4.84 5.07 -16.90
C PHE A 208 4.35 5.58 -18.25
N ALA A 209 3.06 5.96 -18.32
CA ALA A 209 2.47 6.45 -19.57
C ALA A 209 3.15 7.72 -20.08
N ASP A 210 3.63 8.56 -19.15
CA ASP A 210 4.29 9.82 -19.51
C ASP A 210 4.95 10.49 -18.31
N LEU A 211 5.39 11.73 -18.52
CA LEU A 211 5.98 12.57 -17.50
C LEU A 211 5.04 12.81 -16.31
N GLY A 212 3.74 12.92 -16.60
CA GLY A 212 2.73 13.24 -15.59
C GLY A 212 2.56 12.16 -14.55
N ALA A 213 2.59 10.91 -14.99
CA ALA A 213 2.49 9.82 -14.05
C ALA A 213 3.69 9.84 -13.09
N ILE A 214 4.87 10.15 -13.57
CA ILE A 214 5.98 10.22 -12.61
C ILE A 214 5.81 11.41 -11.68
N GLN A 215 5.35 12.54 -12.22
CA GLN A 215 5.06 13.71 -11.37
C GLN A 215 4.07 13.37 -10.25
N THR A 216 3.00 12.66 -10.61
CA THR A 216 2.00 12.28 -9.65
C THR A 216 2.63 11.44 -8.51
N GLN A 217 3.46 10.44 -8.85
CA GLN A 217 4.12 9.62 -7.84
C GLN A 217 5.01 10.48 -6.93
N PHE A 218 5.79 11.37 -7.53
CA PHE A 218 6.62 12.30 -6.74
C PHE A 218 5.78 13.16 -5.79
N HIS A 219 4.64 13.62 -6.28
CA HIS A 219 3.72 14.38 -5.44
C HIS A 219 3.24 13.51 -4.29
N TYR A 220 2.99 12.24 -4.59
CA TYR A 220 2.62 11.31 -3.54
C TYR A 220 3.75 11.07 -2.56
N LEU A 221 4.98 11.24 -3.01
CA LEU A 221 6.09 11.19 -2.08
C LEU A 221 6.02 12.39 -1.14
N VAL A 222 5.76 13.57 -1.73
CA VAL A 222 5.81 14.82 -1.01
C VAL A 222 4.71 14.82 0.06
N ARG A 223 3.68 14.00 -0.17
CA ARG A 223 2.53 13.90 0.72
C ARG A 223 2.85 13.27 2.07
N THR A 224 3.99 12.58 2.15
CA THR A 224 4.36 11.83 3.31
C THR A 224 5.49 12.55 4.03
N VAL A 225 6.07 13.58 3.43
CA VAL A 225 7.13 14.31 4.13
C VAL A 225 6.49 15.23 5.18
N PRO A 226 6.96 15.15 6.44
CA PRO A 226 6.45 16.00 7.52
C PRO A 226 6.72 17.47 7.27
N SER A 227 5.95 18.33 7.92
CA SER A 227 6.09 19.77 7.73
C SER A 227 7.43 20.31 8.26
N GLU A 228 7.98 19.68 9.29
CA GLU A 228 9.31 19.99 9.84
C GLU A 228 10.42 19.23 9.13
N GLY A 229 10.13 18.63 7.99
CA GLY A 229 11.18 18.00 7.20
C GLY A 229 11.77 18.96 6.20
N LEU A 230 12.39 18.41 5.16
CA LEU A 230 12.96 19.23 4.12
C LEU A 230 12.89 18.52 2.80
N ILE A 231 12.48 19.28 1.78
CA ILE A 231 12.58 18.81 0.41
C ILE A 231 13.71 19.57 -0.28
N VAL A 232 14.70 18.82 -0.74
CA VAL A 232 15.84 19.39 -1.42
C VAL A 232 15.68 19.15 -2.92
N CYS A 233 15.48 20.21 -3.68
CA CYS A 233 14.93 20.02 -5.00
C CYS A 233 15.67 20.74 -6.12
N ASN A 234 16.04 20.00 -7.16
CA ASN A 234 16.63 20.58 -8.40
C ASN A 234 15.80 21.79 -8.85
N GLY A 235 16.44 22.93 -9.02
CA GLY A 235 15.70 24.15 -9.32
C GLY A 235 15.83 24.61 -10.76
N ARG A 236 16.61 23.87 -11.55
CA ARG A 236 16.72 24.10 -12.98
C ARG A 236 15.63 23.37 -13.78
N GLN A 237 14.72 22.68 -13.11
CA GLN A 237 13.78 21.80 -13.83
C GLN A 237 12.31 22.09 -13.62
N GLN A 238 11.62 22.35 -14.73
CA GLN A 238 10.20 22.67 -14.76
C GLN A 238 9.32 21.49 -14.29
N SER A 239 9.64 20.28 -14.73
CA SER A 239 8.92 19.09 -14.28
C SER A 239 8.83 19.01 -12.75
N LEU A 240 9.94 19.30 -12.05
CA LEU A 240 9.90 19.36 -10.58
C LEU A 240 9.09 20.52 -10.01
N GLN A 241 9.20 21.71 -10.62
CA GLN A 241 8.41 22.85 -10.15
C GLN A 241 6.91 22.50 -10.22
N ASP A 242 6.50 21.97 -11.39
CA ASP A 242 5.13 21.57 -11.63
C ASP A 242 4.63 20.55 -10.61
N THR A 243 5.53 19.66 -10.17
CA THR A 243 5.23 18.67 -9.14
C THR A 243 4.97 19.35 -7.78
N LEU A 244 5.81 20.31 -7.42
CA LEU A 244 5.63 21.01 -6.15
C LEU A 244 4.32 21.79 -6.12
N ASP A 245 3.96 22.41 -7.23
CA ASP A 245 2.72 23.20 -7.28
C ASP A 245 1.45 22.36 -7.10
N LYS A 246 1.55 21.02 -7.22
CA LYS A 246 0.41 20.13 -6.90
C LYS A 246 0.06 20.19 -5.41
N GLY A 247 1.07 20.49 -4.58
CA GLY A 247 0.87 20.61 -3.15
C GLY A 247 2.20 20.29 -2.51
N CYS A 248 2.58 21.10 -1.54
CA CYS A 248 3.77 20.84 -0.76
C CYS A 248 3.51 21.42 0.63
N TRP A 249 3.96 20.72 1.68
CA TRP A 249 3.68 21.13 3.06
C TRP A 249 4.96 21.27 3.89
N THR A 250 6.09 21.28 3.22
CA THR A 250 7.41 21.17 3.83
C THR A 250 8.26 22.28 3.22
N PRO A 251 9.16 22.93 4.01
CA PRO A 251 10.12 23.82 3.37
C PRO A 251 10.88 23.16 2.20
N VAL A 252 11.07 23.92 1.14
CA VAL A 252 11.83 23.48 -0.01
C VAL A 252 13.12 24.29 -0.07
N GLU A 253 14.21 23.65 -0.44
CA GLU A 253 15.45 24.33 -0.79
C GLU A 253 15.85 23.90 -2.20
N LYS A 254 16.09 24.88 -3.07
CA LYS A 254 16.43 24.62 -4.46
C LYS A 254 17.94 24.64 -4.63
N PHE A 255 18.47 23.68 -5.40
CA PHE A 255 19.89 23.75 -5.79
C PHE A 255 20.04 23.95 -7.28
N GLY A 256 21.13 24.63 -7.66
CA GLY A 256 21.48 24.86 -9.04
C GLY A 256 20.96 26.18 -9.56
N THR A 257 20.26 26.91 -8.69
CA THR A 257 19.79 28.29 -8.98
C THR A 257 20.58 29.30 -8.14
N GLU A 258 20.65 30.55 -8.62
CA GLU A 258 21.31 31.63 -7.87
C GLU A 258 20.69 31.86 -6.50
N HIS A 259 19.37 32.05 -6.48
CA HIS A 259 18.65 32.39 -5.24
C HIS A 259 18.65 31.27 -4.19
N GLY A 260 18.98 30.04 -4.59
CA GLY A 260 19.11 28.92 -3.66
C GLY A 260 20.56 28.53 -3.45
N TRP A 261 20.84 27.23 -3.50
CA TRP A 261 22.21 26.69 -3.49
C TRP A 261 22.80 26.65 -4.91
N GLN A 262 24.04 27.09 -5.05
CA GLN A 262 24.67 27.14 -6.37
C GLN A 262 26.12 26.64 -6.26
N ALA A 263 26.63 26.09 -7.36
CA ALA A 263 28.01 25.63 -7.44
C ALA A 263 28.77 26.52 -8.40
N GLY A 264 29.77 27.24 -7.91
CA GLY A 264 30.54 28.15 -8.76
C GLY A 264 31.30 27.44 -9.85
N GLU A 265 32.07 28.19 -10.64
CA GLU A 265 32.86 27.60 -11.73
C GLU A 265 33.91 26.69 -11.12
N ALA A 266 34.30 25.65 -11.84
CA ALA A 266 35.30 24.69 -11.37
C ALA A 266 36.71 25.18 -11.67
N ASN A 267 37.65 24.89 -10.77
CA ASN A 267 39.03 25.33 -10.98
C ASN A 267 39.84 24.36 -11.81
N ALA A 268 41.06 24.75 -12.14
CA ALA A 268 41.96 23.96 -13.00
C ALA A 268 42.32 22.57 -12.44
N ASP A 269 41.49 22.04 -11.54
CA ASP A 269 41.78 20.80 -10.81
C ASP A 269 40.52 20.09 -10.26
N GLY A 270 39.37 20.77 -10.30
CA GLY A 270 38.09 20.14 -9.98
C GLY A 270 37.36 20.74 -8.79
N SER A 271 38.08 21.55 -8.02
CA SER A 271 37.52 22.19 -6.84
C SER A 271 36.56 23.32 -7.22
N PHE A 272 35.56 23.55 -6.36
CA PHE A 272 34.55 24.57 -6.61
C PHE A 272 33.96 25.18 -5.34
N ASP A 273 33.45 26.39 -5.50
CA ASP A 273 32.77 27.08 -4.41
C ASP A 273 31.34 26.61 -4.34
N VAL A 274 30.88 26.37 -3.11
CA VAL A 274 29.47 26.13 -2.85
C VAL A 274 28.87 27.46 -2.42
N LEU A 275 27.79 27.86 -3.07
CA LEU A 275 27.19 29.17 -2.83
C LEU A 275 25.77 29.04 -2.32
N LEU A 276 25.44 29.92 -1.39
CA LEU A 276 24.14 29.99 -0.77
C LEU A 276 23.60 31.40 -0.91
N ASP A 277 22.53 31.53 -1.67
CA ASP A 277 21.89 32.83 -1.91
C ASP A 277 22.74 33.81 -2.69
N GLY A 278 24.00 33.46 -2.89
CA GLY A 278 24.95 34.27 -3.66
C GLY A 278 26.18 34.52 -2.83
N LYS A 279 26.26 33.82 -1.71
CA LYS A 279 27.34 33.97 -0.74
C LYS A 279 28.12 32.66 -0.62
N THR A 280 29.45 32.76 -0.61
CA THR A 280 30.31 31.57 -0.43
C THR A 280 30.12 30.97 0.96
N ALA A 281 29.76 29.69 0.99
CA ALA A 281 29.54 28.95 2.23
C ALA A 281 30.68 27.97 2.48
N GLY A 282 31.28 27.49 1.39
CA GLY A 282 32.34 26.51 1.45
C GLY A 282 33.01 26.22 0.12
N ARG A 283 33.95 25.29 0.16
CA ARG A 283 34.72 24.93 -1.03
C ARG A 283 35.01 23.43 -1.00
N VAL A 284 34.67 22.76 -2.09
CA VAL A 284 34.92 21.32 -2.19
C VAL A 284 36.22 21.02 -2.95
N LYS A 285 37.09 20.18 -2.40
CA LYS A 285 38.32 19.86 -3.09
C LYS A 285 38.27 18.43 -3.59
N TRP A 286 38.01 18.29 -4.88
CA TRP A 286 37.56 17.06 -5.52
C TRP A 286 38.41 16.59 -6.67
N ASP A 287 38.29 15.30 -6.96
CA ASP A 287 38.83 14.71 -8.21
C ASP A 287 37.73 14.21 -9.17
N LEU A 288 36.47 14.53 -8.86
CA LEU A 288 35.32 14.14 -9.67
C LEU A 288 35.04 15.14 -10.79
N MSE A 289 34.38 14.69 -11.84
CA MSE A 289 34.21 15.45 -13.08
C MSE A 289 32.79 15.87 -13.41
O MSE A 289 31.82 15.23 -13.01
CB MSE A 289 34.71 14.60 -14.23
CG MSE A 289 36.20 14.59 -14.40
SE MSE A 289 36.57 13.29 -15.76
CE MSE A 289 35.41 13.93 -17.22
N GLY A 290 32.69 16.95 -14.20
CA GLY A 290 31.41 17.38 -14.80
C GLY A 290 30.49 18.10 -13.85
N ARG A 291 29.44 18.72 -14.40
CA ARG A 291 28.54 19.52 -13.57
C ARG A 291 27.57 18.65 -12.79
N HIS A 292 27.12 17.56 -13.39
CA HIS A 292 26.21 16.63 -12.73
C HIS A 292 26.68 16.24 -11.32
N ASN A 293 28.00 16.08 -11.14
CA ASN A 293 28.53 15.77 -9.81
C ASN A 293 28.52 16.95 -8.85
N ARG A 294 28.79 18.15 -9.36
CA ARG A 294 28.79 19.31 -8.49
C ARG A 294 27.34 19.60 -8.09
N MSE A 295 26.46 19.41 -9.04
CA MSE A 295 25.03 19.39 -8.79
C MSE A 295 24.66 18.43 -7.66
O MSE A 295 23.98 18.82 -6.70
CB MSE A 295 24.35 18.99 -10.08
CG MSE A 295 23.15 19.80 -10.46
SE MSE A 295 23.28 21.73 -10.30
CE MSE A 295 21.35 21.94 -10.57
N ASN A 296 25.14 17.17 -7.73
CA ASN A 296 24.87 16.16 -6.70
C ASN A 296 25.42 16.63 -5.38
N ALA A 297 26.56 17.29 -5.43
CA ALA A 297 27.22 17.73 -4.21
C ALA A 297 26.35 18.71 -3.47
N LEU A 298 25.66 19.54 -4.25
CA LEU A 298 24.82 20.60 -3.70
C LEU A 298 23.61 20.02 -2.97
N ALA A 299 23.05 18.94 -3.56
CA ALA A 299 21.91 18.27 -2.97
C ALA A 299 22.38 17.64 -1.70
N VAL A 300 23.55 17.04 -1.73
CA VAL A 300 24.05 16.33 -0.56
C VAL A 300 24.30 17.29 0.63
N ILE A 301 24.93 18.45 0.34
CA ILE A 301 25.25 19.39 1.36
C ILE A 301 23.97 19.94 1.98
N ALA A 302 22.98 20.22 1.12
CA ALA A 302 21.67 20.65 1.61
C ALA A 302 21.03 19.60 2.52
N ALA A 303 21.06 18.33 2.11
CA ALA A 303 20.44 17.28 2.91
C ALA A 303 21.19 17.13 4.23
N ALA A 304 22.52 17.13 4.16
CA ALA A 304 23.36 16.96 5.34
C ALA A 304 23.09 18.07 6.31
N ARG A 305 23.01 19.31 5.84
CA ARG A 305 22.70 20.42 6.74
C ARG A 305 21.40 20.20 7.49
N HIS A 306 20.42 19.57 6.84
CA HIS A 306 19.15 19.30 7.51
C HIS A 306 19.32 18.44 8.75
N VAL A 307 20.32 17.56 8.77
CA VAL A 307 20.50 16.73 9.95
C VAL A 307 21.48 17.38 10.91
N GLY A 308 22.12 18.46 10.44
CA GLY A 308 22.89 19.29 11.34
C GLY A 308 24.36 19.30 10.97
N VAL A 309 24.72 18.64 9.89
CA VAL A 309 26.11 18.70 9.42
C VAL A 309 26.48 20.08 8.83
N ASP A 310 27.55 20.66 9.34
CA ASP A 310 27.98 21.97 8.84
C ASP A 310 28.45 21.91 7.43
N ILE A 311 28.16 22.97 6.70
CA ILE A 311 28.55 23.05 5.29
C ILE A 311 30.04 22.72 5.20
N GLN A 312 30.85 23.41 6.01
CA GLN A 312 32.28 23.18 6.07
C GLN A 312 32.59 21.67 6.13
N THR A 313 32.02 21.00 7.12
CA THR A 313 32.31 19.58 7.37
C THR A 313 31.89 18.71 6.19
N ALA A 314 30.77 19.07 5.55
CA ALA A 314 30.29 18.33 4.38
C ALA A 314 31.18 18.53 3.17
N CYS A 315 31.61 19.77 2.93
CA CYS A 315 32.57 20.09 1.88
C CYS A 315 33.84 19.28 2.08
N GLU A 316 34.36 19.32 3.29
CA GLU A 316 35.52 18.50 3.68
C GLU A 316 35.27 17.02 3.33
N ALA A 317 34.12 16.49 3.74
CA ALA A 317 33.86 15.05 3.63
C ALA A 317 33.88 14.60 2.18
N LEU A 318 33.32 15.45 1.32
CA LEU A 318 33.28 15.18 -0.11
C LEU A 318 34.68 15.05 -0.71
N GLY A 319 35.64 15.83 -0.22
CA GLY A 319 37.02 15.67 -0.60
C GLY A 319 37.49 14.24 -0.42
N ALA A 320 36.94 13.54 0.57
CA ALA A 320 37.41 12.17 0.89
C ALA A 320 36.55 11.10 0.25
N PHE A 321 35.61 11.54 -0.57
CA PHE A 321 34.67 10.65 -1.20
C PHE A 321 35.25 9.91 -2.42
N LYS A 322 35.10 8.58 -2.41
CA LYS A 322 35.52 7.71 -3.50
C LYS A 322 34.28 7.23 -4.27
N ASN A 323 34.46 6.83 -5.52
CA ASN A 323 33.32 6.40 -6.38
C ASN A 323 32.50 5.18 -5.91
N VAL A 324 31.40 4.89 -6.62
CA VAL A 324 30.58 3.69 -6.35
C VAL A 324 30.88 2.53 -7.33
N LYS A 325 30.55 1.30 -6.92
CA LYS A 325 30.74 0.06 -7.73
C LYS A 325 29.42 -0.60 -8.16
N ARG A 326 29.39 -1.16 -9.39
CA ARG A 326 28.21 -1.79 -10.06
C ARG A 326 27.11 -0.80 -10.46
N ALA B 3 -1.52 -8.01 26.34
CA ALA B 3 -2.27 -6.72 26.45
C ALA B 3 -2.69 -6.20 25.06
N MSE B 4 -4.01 -6.11 24.81
CA MSE B 4 -4.52 -5.73 23.46
C MSE B 4 -4.51 -4.21 23.13
O MSE B 4 -4.83 -3.36 23.95
CB MSE B 4 -5.88 -6.41 23.10
CG MSE B 4 -5.78 -7.83 22.44
SE MSE B 4 -5.56 -8.02 20.46
CE MSE B 4 -4.60 -9.74 20.41
N LYS B 5 -4.12 -3.95 21.88
CA LYS B 5 -3.77 -2.62 21.37
C LYS B 5 -4.88 -1.55 21.33
N HIS B 6 -4.43 -0.31 21.39
CA HIS B 6 -5.26 0.88 21.29
C HIS B 6 -5.09 1.58 19.93
N ILE B 7 -6.15 1.60 19.13
CA ILE B 7 -6.14 2.28 17.85
C ILE B 7 -6.98 3.54 17.97
N HIS B 8 -6.65 4.55 17.16
CA HIS B 8 -7.35 5.83 17.26
C HIS B 8 -7.55 6.30 15.85
N ILE B 9 -8.81 6.47 15.48
CA ILE B 9 -9.16 6.61 14.08
C ILE B 9 -9.32 8.07 13.70
N ILE B 10 -8.54 8.52 12.72
CA ILE B 10 -8.70 9.89 12.28
C ILE B 10 -9.74 9.91 11.18
N GLY B 11 -10.91 10.44 11.54
CA GLY B 11 -12.07 10.39 10.67
C GLY B 11 -12.92 9.17 11.01
N ILE B 12 -13.42 9.10 12.24
CA ILE B 12 -14.21 7.95 12.66
C ILE B 12 -15.63 7.91 12.07
N GLY B 13 -16.06 9.00 11.42
CA GLY B 13 -17.44 9.15 10.94
C GLY B 13 -17.71 8.46 9.61
N GLY B 14 -18.97 8.25 9.30
CA GLY B 14 -19.31 7.56 8.07
C GLY B 14 -19.42 6.06 8.27
N THR B 15 -20.19 5.47 7.37
CA THR B 15 -20.52 4.06 7.43
C THR B 15 -19.28 3.11 7.43
N PHE B 16 -18.22 3.51 6.73
CA PHE B 16 -17.03 2.67 6.66
C PHE B 16 -16.20 2.54 7.94
N MSE B 17 -15.66 3.67 8.42
CA MSE B 17 -14.85 3.66 9.64
C MSE B 17 -15.69 3.33 10.88
O MSE B 17 -15.18 2.83 11.87
CB MSE B 17 -14.09 4.97 9.80
CG MSE B 17 -13.15 5.26 8.66
SE MSE B 17 -11.53 4.13 8.70
CE MSE B 17 -11.11 4.38 6.86
N GLY B 18 -16.99 3.62 10.83
CA GLY B 18 -17.89 3.17 11.86
C GLY B 18 -17.96 1.65 11.96
N GLY B 19 -18.06 1.00 10.80
CA GLY B 19 -17.96 -0.45 10.73
C GLY B 19 -16.58 -0.92 11.19
N LEU B 20 -15.53 -0.27 10.71
CA LEU B 20 -14.19 -0.67 11.09
C LEU B 20 -13.97 -0.55 12.61
N ALA B 21 -14.63 0.41 13.25
CA ALA B 21 -14.47 0.57 14.68
C ALA B 21 -15.21 -0.51 15.44
N ALA B 22 -16.36 -0.92 14.89
CA ALA B 22 -17.20 -1.90 15.56
C ALA B 22 -16.45 -3.20 15.54
N ILE B 23 -15.92 -3.54 14.39
CA ILE B 23 -15.21 -4.79 14.22
C ILE B 23 -13.98 -4.79 15.12
N ALA B 24 -13.25 -3.68 15.11
CA ALA B 24 -12.05 -3.53 15.93
C ALA B 24 -12.36 -3.77 17.41
N LYS B 25 -13.39 -3.09 17.89
CA LYS B 25 -13.87 -3.24 19.26
C LYS B 25 -14.19 -4.71 19.53
N GLU B 26 -14.98 -5.32 18.65
CA GLU B 26 -15.39 -6.73 18.77
C GLU B 26 -14.18 -7.67 18.72
N ALA B 27 -13.16 -7.34 17.94
CA ALA B 27 -11.93 -8.14 17.93
C ALA B 27 -11.07 -7.90 19.17
N GLY B 28 -11.60 -7.22 20.19
CA GLY B 28 -10.86 -6.93 21.43
C GLY B 28 -9.85 -5.77 21.45
N PHE B 29 -9.71 -5.02 20.35
CA PHE B 29 -8.94 -3.77 20.40
C PHE B 29 -9.64 -2.71 21.25
N GLU B 30 -8.88 -1.73 21.68
CA GLU B 30 -9.46 -0.55 22.27
C GLU B 30 -9.51 0.52 21.17
N VAL B 31 -10.68 1.14 21.04
CA VAL B 31 -10.95 2.01 19.91
C VAL B 31 -11.37 3.39 20.38
N SER B 32 -10.73 4.40 19.80
CA SER B 32 -11.15 5.77 19.98
C SER B 32 -10.91 6.52 18.66
N GLY B 33 -11.47 7.71 18.52
CA GLY B 33 -11.34 8.44 17.25
C GLY B 33 -11.84 9.85 17.31
N CYS B 34 -11.66 10.56 16.20
CA CYS B 34 -12.18 11.90 16.04
C CYS B 34 -12.88 12.05 14.69
N ASP B 35 -13.76 13.05 14.61
CA ASP B 35 -14.35 13.54 13.36
C ASP B 35 -15.01 14.90 13.60
N ALA B 36 -15.61 15.48 12.57
CA ALA B 36 -16.43 16.67 12.78
C ALA B 36 -17.59 16.23 13.65
N LYS B 37 -18.25 17.18 14.32
CA LYS B 37 -19.37 16.84 15.17
C LYS B 37 -20.26 15.89 14.39
N MSE B 38 -20.60 14.75 14.98
CA MSE B 38 -21.58 13.85 14.39
C MSE B 38 -22.91 13.81 15.18
O MSE B 38 -22.97 14.29 16.32
CB MSE B 38 -21.00 12.45 14.15
CG MSE B 38 -19.95 12.01 15.15
SE MSE B 38 -18.85 10.58 14.45
CE MSE B 38 -20.24 9.21 14.42
N TYR B 39 -23.94 13.26 14.56
CA TYR B 39 -25.30 13.25 15.11
C TYR B 39 -25.92 11.85 15.06
N PRO B 40 -26.92 11.57 15.92
CA PRO B 40 -27.68 10.32 15.80
C PRO B 40 -28.07 10.00 14.33
N PRO B 41 -28.00 8.71 13.93
CA PRO B 41 -27.79 7.49 14.74
C PRO B 41 -26.33 7.07 14.98
N MSE B 42 -25.40 7.65 14.24
CA MSE B 42 -24.04 7.16 14.25
C MSE B 42 -23.29 7.49 15.53
O MSE B 42 -22.42 6.73 15.95
CB MSE B 42 -23.28 7.68 13.03
CG MSE B 42 -22.37 6.64 12.36
SE MSE B 42 -23.03 5.99 10.62
CE MSE B 42 -24.72 5.13 11.14
N SER B 43 -23.61 8.63 16.15
CA SER B 43 -22.85 9.12 17.30
C SER B 43 -23.20 8.35 18.57
N THR B 44 -24.48 8.23 18.86
CA THR B 44 -24.94 7.48 20.02
C THR B 44 -24.56 6.00 19.88
N GLN B 45 -24.63 5.48 18.65
CA GLN B 45 -24.33 4.09 18.33
C GLN B 45 -22.87 3.74 18.67
N LEU B 46 -21.95 4.61 18.24
CA LEU B 46 -20.55 4.53 18.60
C LEU B 46 -20.32 4.67 20.09
N GLU B 47 -21.04 5.62 20.70
CA GLU B 47 -21.03 5.83 22.14
C GLU B 47 -21.47 4.54 22.85
N ALA B 48 -22.51 3.89 22.33
CA ALA B 48 -23.05 2.64 22.90
C ALA B 48 -22.07 1.45 22.86
N LEU B 49 -20.97 1.59 22.10
CA LEU B 49 -19.93 0.56 22.04
C LEU B 49 -18.73 0.85 22.97
N GLY B 50 -18.74 1.96 23.69
CA GLY B 50 -17.63 2.33 24.57
C GLY B 50 -16.43 2.80 23.76
N ILE B 51 -16.67 3.80 22.91
CA ILE B 51 -15.67 4.30 21.97
C ILE B 51 -15.72 5.81 22.02
N ASP B 52 -14.80 6.42 22.78
CA ASP B 52 -14.81 7.88 22.99
C ASP B 52 -14.50 8.60 21.65
N VAL B 53 -15.20 9.71 21.42
CA VAL B 53 -15.09 10.45 20.16
C VAL B 53 -14.74 11.91 20.41
N TYR B 54 -13.54 12.29 19.98
CA TYR B 54 -13.10 13.67 20.02
C TYR B 54 -13.75 14.44 18.89
N GLU B 55 -14.13 15.67 19.17
CA GLU B 55 -14.68 16.59 18.18
C GLU B 55 -13.55 17.45 17.62
N GLY B 56 -13.28 17.31 16.32
CA GLY B 56 -12.28 18.15 15.65
C GLY B 56 -10.96 17.46 15.31
N PHE B 57 -10.01 18.24 14.83
CA PHE B 57 -8.73 17.71 14.39
C PHE B 57 -7.55 18.39 15.09
N ASP B 58 -7.86 19.00 16.24
CA ASP B 58 -6.85 19.55 17.14
C ASP B 58 -5.80 18.51 17.50
N ALA B 59 -4.52 18.90 17.38
CA ALA B 59 -3.38 18.03 17.69
C ALA B 59 -3.26 17.67 19.19
N ALA B 60 -4.00 18.39 20.04
CA ALA B 60 -4.02 18.13 21.48
C ALA B 60 -4.51 16.71 21.82
N GLN B 61 -5.49 16.24 21.06
CA GLN B 61 -6.08 14.93 21.32
C GLN B 61 -5.06 13.82 21.38
N LEU B 62 -3.85 14.08 20.86
CA LEU B 62 -2.75 13.09 20.96
C LEU B 62 -2.29 12.84 22.41
N ASP B 63 -2.38 13.85 23.27
CA ASP B 63 -2.03 13.63 24.67
C ASP B 63 -3.11 12.91 25.43
N GLU B 64 -4.37 13.21 25.11
CA GLU B 64 -5.49 12.52 25.71
C GLU B 64 -5.65 11.09 25.18
N PHE B 65 -5.27 10.83 23.95
CA PHE B 65 -5.38 9.49 23.37
C PHE B 65 -4.00 8.99 22.96
N LYS B 66 -3.28 8.47 23.95
CA LYS B 66 -1.88 8.08 23.77
C LYS B 66 -1.83 6.72 23.05
N ALA B 67 -2.37 6.68 21.82
CA ALA B 67 -2.60 5.44 21.04
C ALA B 67 -1.35 4.68 20.55
N ASP B 68 -1.56 3.42 20.19
CA ASP B 68 -0.51 2.54 19.69
C ASP B 68 -0.32 2.70 18.17
N VAL B 69 -1.38 3.13 17.49
CA VAL B 69 -1.36 3.35 16.06
C VAL B 69 -2.52 4.28 15.68
N TYR B 70 -2.32 5.16 14.70
CA TYR B 70 -3.36 6.06 14.19
C TYR B 70 -3.87 5.51 12.86
N VAL B 71 -5.17 5.23 12.85
CA VAL B 71 -5.80 4.66 11.64
C VAL B 71 -6.50 5.77 10.86
N ILE B 72 -6.07 5.99 9.64
CA ILE B 72 -6.45 7.21 8.96
C ILE B 72 -7.56 7.01 7.93
N GLY B 73 -8.61 7.84 8.03
CA GLY B 73 -9.75 7.78 7.12
C GLY B 73 -9.58 8.67 5.91
N ASN B 74 -10.27 8.31 4.83
CA ASN B 74 -10.50 9.17 3.63
C ASN B 74 -10.46 10.67 3.86
N VAL B 75 -11.22 11.13 4.86
CA VAL B 75 -11.42 12.55 5.12
C VAL B 75 -10.12 13.26 5.55
N ALA B 76 -9.17 12.52 6.10
CA ALA B 76 -7.95 13.16 6.58
C ALA B 76 -7.08 13.64 5.42
N LYS B 77 -6.38 14.75 5.65
CA LYS B 77 -5.58 15.36 4.61
C LYS B 77 -4.47 16.20 5.24
N ARG B 78 -3.42 16.49 4.48
CA ARG B 78 -2.42 17.40 4.95
C ARG B 78 -3.15 18.71 5.18
N GLY B 79 -2.79 19.40 6.27
CA GLY B 79 -3.40 20.69 6.62
C GLY B 79 -4.00 20.59 8.00
N MSE B 80 -4.72 19.52 8.25
CA MSE B 80 -5.22 19.17 9.57
C MSE B 80 -4.12 19.03 10.62
O MSE B 80 -3.09 18.39 10.38
CB MSE B 80 -5.97 17.84 9.51
CG MSE B 80 -7.06 17.83 8.48
SE MSE B 80 -8.08 16.23 8.76
CE MSE B 80 -9.70 16.77 7.78
N ASP B 81 -4.36 19.64 11.76
CA ASP B 81 -3.35 19.74 12.82
C ASP B 81 -2.93 18.38 13.35
N VAL B 82 -3.88 17.46 13.48
CA VAL B 82 -3.56 16.14 14.01
C VAL B 82 -2.75 15.34 12.99
N VAL B 83 -3.05 15.49 11.70
CA VAL B 83 -2.32 14.78 10.68
C VAL B 83 -0.87 15.29 10.73
N GLU B 84 -0.74 16.62 10.78
CA GLU B 84 0.58 17.25 10.75
C GLU B 84 1.38 16.82 11.97
N ALA B 85 0.75 16.79 13.15
CA ALA B 85 1.42 16.34 14.35
C ALA B 85 1.88 14.85 14.27
N ILE B 86 0.99 13.96 13.85
CA ILE B 86 1.39 12.57 13.57
C ILE B 86 2.66 12.44 12.68
N LEU B 87 2.70 13.11 11.54
CA LEU B 87 3.87 13.00 10.68
C LEU B 87 5.09 13.62 11.34
N ASN B 88 4.91 14.72 12.06
CA ASN B 88 6.04 15.44 12.65
C ASN B 88 6.68 14.66 13.78
N LEU B 89 5.84 14.06 14.60
CA LEU B 89 6.27 13.30 15.75
C LEU B 89 6.70 11.88 15.39
N GLY B 90 6.50 11.47 14.14
CA GLY B 90 6.87 10.09 13.72
C GLY B 90 6.01 9.02 14.39
N LEU B 91 4.72 9.30 14.53
CA LEU B 91 3.83 8.36 15.19
C LEU B 91 3.38 7.34 14.19
N PRO B 92 3.16 6.10 14.65
CA PRO B 92 2.72 5.04 13.75
C PRO B 92 1.36 5.36 13.13
N TYR B 93 1.27 5.27 11.81
CA TYR B 93 -0.03 5.46 11.16
C TYR B 93 -0.22 4.52 9.98
N ILE B 94 -1.50 4.30 9.64
CA ILE B 94 -1.93 3.22 8.73
C ILE B 94 -3.34 3.52 8.22
N SER B 95 -3.64 3.10 7.00
CA SER B 95 -4.98 3.36 6.46
C SER B 95 -6.03 2.38 7.04
N GLY B 96 -7.31 2.76 6.96
CA GLY B 96 -8.37 1.88 7.39
C GLY B 96 -8.30 0.55 6.66
N PRO B 97 -8.44 0.56 5.35
CA PRO B 97 -8.37 -0.70 4.60
C PRO B 97 -7.18 -1.58 4.93
N GLN B 98 -5.99 -0.99 5.02
CA GLN B 98 -4.84 -1.81 5.31
C GLN B 98 -4.94 -2.38 6.72
N TRP B 99 -5.38 -1.56 7.65
CA TRP B 99 -5.52 -2.02 9.03
C TRP B 99 -6.48 -3.21 9.17
N LEU B 100 -7.63 -3.07 8.53
CA LEU B 100 -8.64 -4.10 8.51
C LEU B 100 -8.11 -5.36 7.88
N SER B 101 -7.40 -5.20 6.77
CA SER B 101 -6.88 -6.35 6.07
C SER B 101 -5.79 -7.05 6.92
N GLU B 102 -4.92 -6.29 7.56
CA GLU B 102 -3.84 -6.91 8.31
C GLU B 102 -4.40 -7.60 9.54
N ASN B 103 -5.37 -6.98 10.21
CA ASN B 103 -5.84 -7.54 11.48
C ASN B 103 -7.07 -8.43 11.39
N VAL B 104 -7.80 -8.38 10.28
CA VAL B 104 -9.04 -9.14 10.16
C VAL B 104 -9.15 -9.96 8.84
N LEU B 105 -9.14 -9.28 7.70
CA LEU B 105 -9.46 -9.94 6.44
C LEU B 105 -8.46 -10.99 6.02
N HIS B 106 -7.18 -10.75 6.29
CA HIS B 106 -6.18 -11.71 5.81
C HIS B 106 -6.30 -13.11 6.42
N HIS B 107 -7.05 -13.24 7.53
CA HIS B 107 -7.34 -14.54 8.13
C HIS B 107 -8.45 -15.27 7.41
N HIS B 108 -9.23 -14.53 6.63
CA HIS B 108 -10.55 -15.01 6.18
C HIS B 108 -10.71 -15.31 4.69
N TRP B 109 -11.70 -16.13 4.38
CA TRP B 109 -12.14 -16.28 3.02
C TRP B 109 -13.02 -15.05 2.80
N VAL B 110 -12.51 -14.09 2.04
CA VAL B 110 -13.19 -12.82 1.82
C VAL B 110 -13.96 -12.86 0.52
N LEU B 111 -15.23 -12.47 0.60
CA LEU B 111 -16.10 -12.32 -0.57
C LEU B 111 -16.29 -10.84 -0.76
N GLY B 112 -15.58 -10.29 -1.76
CA GLY B 112 -15.63 -8.84 -2.05
C GLY B 112 -16.63 -8.51 -3.16
N VAL B 113 -17.41 -7.46 -2.94
CA VAL B 113 -18.35 -7.00 -3.92
C VAL B 113 -17.94 -5.62 -4.45
N ALA B 114 -17.33 -5.59 -5.63
CA ALA B 114 -16.91 -4.36 -6.25
C ALA B 114 -17.91 -3.91 -7.29
N GLY B 115 -17.78 -2.66 -7.73
CA GLY B 115 -18.50 -2.18 -8.91
C GLY B 115 -18.89 -0.75 -8.65
N THR B 116 -19.37 -0.04 -9.63
CA THR B 116 -19.63 1.35 -9.32
C THR B 116 -21.01 1.55 -8.73
N HIS B 117 -21.89 0.58 -8.92
CA HIS B 117 -23.29 0.70 -8.50
C HIS B 117 -23.83 -0.60 -7.93
N GLY B 118 -24.75 -0.49 -6.96
CA GLY B 118 -25.46 -1.62 -6.36
C GLY B 118 -24.67 -2.42 -5.33
N LYS B 119 -23.55 -1.87 -4.86
CA LYS B 119 -22.64 -2.61 -3.95
C LYS B 119 -23.27 -2.93 -2.60
N THR B 120 -23.90 -1.93 -1.98
CA THR B 120 -24.48 -2.09 -0.66
C THR B 120 -25.55 -3.15 -0.67
N THR B 121 -26.42 -3.11 -1.67
CA THR B 121 -27.52 -4.06 -1.78
C THR B 121 -27.03 -5.47 -2.05
N THR B 122 -26.08 -5.58 -2.97
CA THR B 122 -25.56 -6.88 -3.36
C THR B 122 -24.82 -7.51 -2.19
N ALA B 123 -24.05 -6.71 -1.45
CA ALA B 123 -23.31 -7.22 -0.29
C ALA B 123 -24.29 -7.68 0.76
N SER B 124 -25.33 -6.88 0.99
CA SER B 124 -26.41 -7.24 1.87
C SER B 124 -27.06 -8.58 1.49
N MSE B 125 -27.25 -8.80 0.19
CA MSE B 125 -27.89 -10.04 -0.31
C MSE B 125 -26.95 -11.24 -0.13
O MSE B 125 -27.38 -12.35 0.21
CB MSE B 125 -28.28 -9.89 -1.78
CG MSE B 125 -29.48 -9.03 -2.06
SE MSE B 125 -29.70 -8.98 -3.98
CE MSE B 125 -31.21 -7.83 -4.04
N LEU B 126 -25.66 -11.00 -0.39
CA LEU B 126 -24.67 -12.03 -0.16
C LEU B 126 -24.54 -12.45 1.34
N ALA B 127 -24.36 -11.47 2.23
CA ALA B 127 -24.33 -11.69 3.67
C ALA B 127 -25.55 -12.46 4.16
N TRP B 128 -26.75 -12.07 3.69
CA TRP B 128 -27.97 -12.77 4.06
C TRP B 128 -28.03 -14.23 3.58
N VAL B 129 -27.63 -14.49 2.34
CA VAL B 129 -27.64 -15.86 1.81
C VAL B 129 -26.77 -16.77 2.64
N LEU B 130 -25.57 -16.28 2.96
CA LEU B 130 -24.65 -17.04 3.76
C LEU B 130 -25.21 -17.28 5.17
N GLU B 131 -25.85 -16.26 5.75
CA GLU B 131 -26.42 -16.37 7.06
C GLU B 131 -27.58 -17.34 7.03
N TYR B 132 -28.39 -17.27 5.98
CA TYR B 132 -29.51 -18.20 5.81
C TYR B 132 -29.01 -19.63 5.62
N ALA B 133 -27.81 -19.79 5.06
CA ALA B 133 -27.33 -21.13 4.71
C ALA B 133 -26.61 -21.78 5.87
N GLY B 134 -26.43 -21.04 6.97
CA GLY B 134 -25.81 -21.58 8.17
C GLY B 134 -24.34 -21.24 8.26
N LEU B 135 -23.86 -20.38 7.37
CA LEU B 135 -22.43 -20.04 7.32
C LEU B 135 -21.98 -18.83 8.18
N ALA B 136 -22.88 -18.29 9.01
CA ALA B 136 -22.58 -17.18 9.95
C ALA B 136 -21.50 -16.14 9.53
N PRO B 137 -21.69 -15.46 8.39
CA PRO B 137 -20.59 -14.64 7.85
C PRO B 137 -20.30 -13.42 8.71
N GLY B 138 -19.06 -12.93 8.62
CA GLY B 138 -18.74 -11.59 9.07
C GLY B 138 -18.99 -10.66 7.92
N PHE B 139 -19.21 -9.38 8.19
CA PHE B 139 -19.32 -8.44 7.09
C PHE B 139 -19.02 -7.06 7.55
N LEU B 140 -18.73 -6.22 6.57
CA LEU B 140 -18.63 -4.78 6.70
C LEU B 140 -19.28 -4.16 5.43
N ILE B 141 -20.40 -3.46 5.60
CA ILE B 141 -21.22 -2.97 4.50
C ILE B 141 -21.50 -1.50 4.73
N GLY B 142 -21.87 -0.78 3.67
CA GLY B 142 -22.11 0.66 3.74
C GLY B 142 -23.56 0.99 4.07
N GLY B 143 -24.08 0.39 5.13
CA GLY B 143 -25.43 0.67 5.57
C GLY B 143 -25.91 -0.53 6.35
N VAL B 144 -26.88 -0.31 7.24
CA VAL B 144 -27.49 -1.39 7.98
C VAL B 144 -28.41 -2.21 7.06
N PRO B 145 -27.99 -3.43 6.68
CA PRO B 145 -28.91 -4.32 5.96
C PRO B 145 -30.12 -4.68 6.82
N GLU B 146 -31.31 -4.62 6.23
CA GLU B 146 -32.53 -4.85 6.98
C GLU B 146 -32.57 -6.23 7.71
N ASN B 147 -31.92 -7.25 7.14
CA ASN B 147 -31.92 -8.61 7.71
C ASN B 147 -31.07 -8.78 8.97
N PHE B 148 -30.17 -7.84 9.22
CA PHE B 148 -29.35 -7.84 10.44
C PHE B 148 -29.59 -6.53 11.21
N GLY B 149 -29.11 -6.46 12.44
CA GLY B 149 -29.28 -5.19 13.16
C GLY B 149 -28.23 -4.12 12.87
N VAL B 150 -27.17 -4.47 12.16
CA VAL B 150 -25.92 -3.77 12.35
C VAL B 150 -25.19 -3.73 11.03
N SER B 151 -24.24 -2.82 10.84
CA SER B 151 -23.62 -2.70 9.50
C SER B 151 -22.29 -3.44 9.36
N ALA B 152 -21.73 -3.86 10.49
CA ALA B 152 -20.46 -4.60 10.52
C ALA B 152 -20.37 -5.55 11.70
N ARG B 153 -19.83 -6.73 11.45
CA ARG B 153 -19.59 -7.75 12.49
C ARG B 153 -18.52 -8.72 12.06
N LEU B 154 -17.88 -9.37 13.02
CA LEU B 154 -16.96 -10.47 12.74
C LEU B 154 -17.74 -11.73 12.39
N PRO B 155 -17.09 -12.73 11.78
CA PRO B 155 -17.78 -14.01 11.59
C PRO B 155 -18.18 -14.64 12.90
N GLN B 156 -19.31 -15.33 12.88
CA GLN B 156 -19.86 -15.98 14.07
C GLN B 156 -19.73 -17.50 14.00
N THR B 157 -20.61 -18.19 14.69
CA THR B 157 -20.65 -19.66 14.78
C THR B 157 -21.50 -20.28 13.68
N PRO B 158 -20.92 -21.15 12.83
CA PRO B 158 -21.73 -21.80 11.78
C PRO B 158 -22.68 -22.84 12.39
N ARG B 159 -23.83 -23.09 11.77
CA ARG B 159 -24.81 -24.01 12.39
C ARG B 159 -24.26 -25.43 12.54
N GLN B 160 -23.36 -25.79 11.62
CA GLN B 160 -22.86 -27.16 11.55
C GLN B 160 -21.38 -27.31 11.96
N ASP B 161 -20.94 -26.42 12.84
CA ASP B 161 -19.74 -26.62 13.65
C ASP B 161 -19.72 -25.57 14.74
N PRO B 162 -20.58 -25.77 15.77
CA PRO B 162 -20.60 -24.94 16.98
C PRO B 162 -19.21 -24.59 17.56
N ASN B 163 -18.28 -25.53 17.53
CA ASN B 163 -17.01 -25.32 18.21
C ASN B 163 -15.95 -24.54 17.43
N SER B 164 -16.35 -23.78 16.41
CA SER B 164 -15.38 -23.00 15.64
C SER B 164 -15.96 -21.75 14.99
N GLN B 165 -15.08 -20.87 14.50
CA GLN B 165 -15.54 -19.63 13.87
C GLN B 165 -15.57 -19.75 12.37
N SER B 166 -16.68 -19.32 11.77
CA SER B 166 -16.79 -19.12 10.33
C SER B 166 -15.56 -18.44 9.68
N PRO B 167 -15.14 -18.95 8.52
CA PRO B 167 -14.06 -18.31 7.78
C PRO B 167 -14.52 -17.17 6.83
N PHE B 168 -15.83 -16.89 6.76
CA PHE B 168 -16.38 -16.11 5.66
C PHE B 168 -16.64 -14.69 6.06
N PHE B 169 -16.26 -13.77 5.17
CA PHE B 169 -16.38 -12.36 5.42
C PHE B 169 -16.77 -11.64 4.15
N VAL B 170 -17.93 -10.97 4.19
CA VAL B 170 -18.45 -10.28 3.02
C VAL B 170 -18.15 -8.79 3.14
N ILE B 171 -17.52 -8.20 2.13
CA ILE B 171 -17.22 -6.78 2.23
C ILE B 171 -17.62 -6.04 0.99
N GLU B 172 -18.24 -4.88 1.21
CA GLU B 172 -18.43 -3.92 0.13
C GLU B 172 -17.05 -3.38 -0.22
N ALA B 173 -16.65 -3.58 -1.48
CA ALA B 173 -15.29 -3.31 -1.91
C ALA B 173 -15.22 -1.98 -2.65
N ASP B 174 -14.95 -0.91 -1.90
CA ASP B 174 -14.94 0.44 -2.47
C ASP B 174 -13.81 0.64 -3.50
N GLU B 175 -14.11 1.39 -4.56
CA GLU B 175 -13.10 1.73 -5.56
C GLU B 175 -12.47 3.11 -5.29
N TYR B 176 -13.06 3.92 -4.40
CA TYR B 176 -12.49 5.23 -4.04
CA TYR B 176 -12.47 5.22 -4.06
C TYR B 176 -11.10 5.04 -3.41
N ASP B 177 -10.32 6.12 -3.38
CA ASP B 177 -8.98 6.12 -2.73
C ASP B 177 -8.98 5.59 -1.29
N THR B 178 -7.87 4.94 -0.99
CA THR B 178 -7.57 4.38 0.29
C THR B 178 -7.32 5.48 1.35
N ALA B 179 -6.49 6.48 1.06
CA ALA B 179 -6.16 7.55 2.01
C ALA B 179 -5.31 8.57 1.24
N PHE B 180 -4.95 9.69 1.89
CA PHE B 180 -4.21 10.72 1.19
C PHE B 180 -2.81 10.28 0.74
N PHE B 181 -2.30 9.26 1.41
CA PHE B 181 -0.99 8.67 1.15
C PHE B 181 -1.08 7.23 0.59
N ASP B 182 -2.24 6.86 0.03
CA ASP B 182 -2.36 5.64 -0.72
C ASP B 182 -3.43 5.84 -1.74
N LYS B 183 -3.01 6.26 -2.90
CA LYS B 183 -3.96 6.62 -3.95
C LYS B 183 -4.76 5.43 -4.50
N ARG B 184 -4.30 4.20 -4.30
CA ARG B 184 -5.00 3.02 -4.86
C ARG B 184 -6.39 2.80 -4.28
N SER B 185 -7.28 2.13 -5.03
CA SER B 185 -8.61 1.78 -4.51
C SER B 185 -8.57 0.97 -3.18
N LYS B 186 -9.54 1.20 -2.30
CA LYS B 186 -9.62 0.42 -1.09
C LYS B 186 -9.53 -1.08 -1.37
N PHE B 187 -10.33 -1.58 -2.31
CA PHE B 187 -10.41 -3.01 -2.56
C PHE B 187 -9.08 -3.72 -2.83
N VAL B 188 -8.08 -2.96 -3.21
CA VAL B 188 -6.73 -3.47 -3.45
C VAL B 188 -6.10 -4.15 -2.22
N HIS B 189 -6.62 -3.88 -1.01
CA HIS B 189 -6.12 -4.49 0.24
C HIS B 189 -6.73 -5.83 0.67
N TYR B 190 -7.88 -6.19 0.11
CA TYR B 190 -8.74 -7.22 0.73
C TYR B 190 -8.44 -8.67 0.33
N ARG B 191 -7.76 -8.84 -0.79
CA ARG B 191 -7.39 -10.15 -1.24
C ARG B 191 -8.60 -11.06 -1.26
N PRO B 192 -9.68 -10.64 -1.92
CA PRO B 192 -10.89 -11.47 -1.91
C PRO B 192 -10.65 -12.75 -2.69
N ARG B 193 -11.27 -13.83 -2.26
CA ARG B 193 -11.15 -15.12 -2.89
C ARG B 193 -12.37 -15.35 -3.81
N THR B 194 -13.47 -14.69 -3.43
CA THR B 194 -14.64 -14.56 -4.27
C THR B 194 -14.91 -13.10 -4.56
N ALA B 195 -14.76 -12.74 -5.82
CA ALA B 195 -14.80 -11.34 -6.21
C ALA B 195 -15.99 -11.15 -7.14
N VAL B 196 -16.95 -10.33 -6.72
CA VAL B 196 -18.05 -9.94 -7.58
C VAL B 196 -17.73 -8.60 -8.20
N LEU B 197 -17.66 -8.58 -9.52
CA LEU B 197 -17.52 -7.31 -10.24
C LEU B 197 -18.90 -6.93 -10.75
N ASN B 198 -19.52 -6.02 -9.99
CA ASN B 198 -20.96 -5.77 -10.14
C ASN B 198 -21.28 -5.07 -11.42
N ASN B 199 -20.42 -4.13 -11.78
CA ASN B 199 -20.60 -3.29 -12.96
C ASN B 199 -19.48 -2.26 -12.92
N LEU B 200 -19.26 -1.54 -14.01
CA LEU B 200 -18.28 -0.46 -14.07
C LEU B 200 -18.77 0.64 -15.03
N GLU B 201 -19.33 1.67 -14.43
CA GLU B 201 -20.19 2.58 -15.14
C GLU B 201 -19.47 3.86 -15.47
N PHE B 202 -18.99 4.58 -14.46
CA PHE B 202 -18.13 5.74 -14.71
C PHE B 202 -17.25 5.98 -13.50
N ASP B 203 -16.24 6.83 -13.67
CA ASP B 203 -15.26 7.19 -12.64
C ASP B 203 -15.80 8.39 -11.85
N HIS B 204 -16.17 8.17 -10.60
CA HIS B 204 -16.72 9.23 -9.75
C HIS B 204 -15.80 10.44 -9.58
N ALA B 205 -14.49 10.24 -9.70
CA ALA B 205 -13.49 11.29 -9.44
C ALA B 205 -13.24 12.19 -10.64
N ASP B 206 -13.62 11.73 -11.83
CA ASP B 206 -13.66 12.57 -13.02
C ASP B 206 -14.71 12.04 -14.01
N ILE B 207 -15.82 12.77 -14.10
CA ILE B 207 -16.94 12.37 -14.94
C ILE B 207 -16.63 12.55 -16.40
N PHE B 208 -15.67 13.41 -16.72
CA PHE B 208 -15.27 13.58 -18.13
C PHE B 208 -14.09 12.67 -18.56
N ALA B 209 -13.65 11.82 -17.64
CA ALA B 209 -12.49 10.97 -17.90
C ALA B 209 -12.81 9.67 -18.66
N ASP B 210 -11.80 9.19 -19.37
CA ASP B 210 -11.78 7.84 -19.90
C ASP B 210 -11.90 6.78 -18.73
N LEU B 211 -12.59 5.67 -18.97
CA LEU B 211 -12.68 4.59 -17.99
C LEU B 211 -11.31 3.98 -17.63
N GLY B 212 -10.29 4.28 -18.43
CA GLY B 212 -8.91 3.80 -18.25
C GLY B 212 -8.36 3.65 -16.84
N ALA B 213 -8.26 4.75 -16.10
CA ALA B 213 -7.66 4.70 -14.77
C ALA B 213 -8.45 3.81 -13.79
N ILE B 214 -9.78 3.83 -13.88
CA ILE B 214 -10.59 3.04 -12.98
C ILE B 214 -10.50 1.55 -13.33
N GLN B 215 -10.41 1.26 -14.62
CA GLN B 215 -10.25 -0.09 -15.09
C GLN B 215 -8.93 -0.67 -14.58
N THR B 216 -7.89 0.16 -14.52
CA THR B 216 -6.60 -0.27 -14.00
C THR B 216 -6.75 -0.68 -12.52
N GLN B 217 -7.38 0.18 -11.74
CA GLN B 217 -7.63 -0.18 -10.35
C GLN B 217 -8.31 -1.55 -10.33
N PHE B 218 -9.36 -1.70 -11.13
CA PHE B 218 -10.05 -2.99 -11.13
C PHE B 218 -9.14 -4.12 -11.54
N HIS B 219 -8.24 -3.86 -12.49
CA HIS B 219 -7.36 -4.92 -12.93
C HIS B 219 -6.40 -5.29 -11.79
N TYR B 220 -6.03 -4.32 -10.98
CA TYR B 220 -5.24 -4.60 -9.79
C TYR B 220 -5.96 -5.45 -8.74
N LEU B 221 -7.29 -5.37 -8.69
CA LEU B 221 -8.04 -6.23 -7.81
C LEU B 221 -7.90 -7.68 -8.29
N VAL B 222 -8.12 -7.88 -9.60
CA VAL B 222 -8.03 -9.18 -10.25
C VAL B 222 -6.66 -9.83 -10.02
N ARG B 223 -5.61 -9.01 -10.04
CA ARG B 223 -4.26 -9.49 -9.68
C ARG B 223 -4.11 -10.05 -8.27
N THR B 224 -5.02 -9.75 -7.34
CA THR B 224 -4.91 -10.30 -5.97
C THR B 224 -5.80 -11.54 -5.73
N VAL B 225 -6.57 -11.92 -6.73
CA VAL B 225 -7.48 -13.06 -6.59
C VAL B 225 -6.79 -14.35 -6.98
N PRO B 226 -6.76 -15.32 -6.07
CA PRO B 226 -6.17 -16.62 -6.34
C PRO B 226 -6.71 -17.28 -7.60
N SER B 227 -5.91 -18.10 -8.27
CA SER B 227 -6.43 -18.85 -9.42
C SER B 227 -7.43 -19.94 -8.99
N GLU B 228 -7.41 -20.36 -7.73
CA GLU B 228 -8.45 -21.28 -7.26
C GLU B 228 -9.71 -20.54 -6.78
N GLY B 229 -9.68 -19.20 -6.90
CA GLY B 229 -10.79 -18.36 -6.50
C GLY B 229 -11.81 -18.28 -7.61
N LEU B 230 -12.73 -17.32 -7.51
CA LEU B 230 -13.71 -17.11 -8.57
C LEU B 230 -14.05 -15.64 -8.76
N ILE B 231 -14.17 -15.26 -10.02
CA ILE B 231 -14.62 -13.93 -10.38
C ILE B 231 -16.04 -14.00 -10.96
N VAL B 232 -16.94 -13.30 -10.30
CA VAL B 232 -18.30 -13.26 -10.71
C VAL B 232 -18.44 -11.91 -11.34
N CYS B 233 -18.60 -11.92 -12.67
CA CYS B 233 -18.53 -10.73 -13.46
C CYS B 233 -19.79 -10.44 -14.27
N ASN B 234 -20.18 -9.17 -14.30
CA ASN B 234 -21.30 -8.72 -15.11
C ASN B 234 -20.95 -8.80 -16.61
N GLY B 235 -21.69 -9.64 -17.33
CA GLY B 235 -21.38 -9.95 -18.73
C GLY B 235 -21.96 -9.00 -19.76
N ARG B 236 -22.64 -7.96 -19.31
CA ARG B 236 -23.29 -7.01 -20.22
C ARG B 236 -22.55 -5.68 -20.38
N GLN B 237 -21.29 -5.62 -19.94
CA GLN B 237 -20.53 -4.35 -19.95
C GLN B 237 -19.16 -4.47 -20.60
N GLN B 238 -18.94 -3.73 -21.67
CA GLN B 238 -17.65 -3.76 -22.35
C GLN B 238 -16.52 -3.30 -21.40
N SER B 239 -16.86 -2.44 -20.45
CA SER B 239 -15.87 -1.86 -19.58
C SER B 239 -15.27 -2.88 -18.61
N LEU B 240 -16.06 -3.88 -18.21
CA LEU B 240 -15.53 -5.01 -17.43
C LEU B 240 -14.80 -6.01 -18.29
N GLN B 241 -15.25 -6.21 -19.51
CA GLN B 241 -14.56 -7.15 -20.41
C GLN B 241 -13.17 -6.60 -20.79
N ASP B 242 -13.09 -5.30 -21.09
CA ASP B 242 -11.80 -4.63 -21.35
C ASP B 242 -10.86 -4.85 -20.15
N THR B 243 -11.33 -4.57 -18.92
CA THR B 243 -10.64 -4.88 -17.66
C THR B 243 -10.11 -6.34 -17.59
N LEU B 244 -10.99 -7.34 -17.73
CA LEU B 244 -10.56 -8.75 -17.78
C LEU B 244 -9.50 -9.04 -18.84
N ASP B 245 -9.58 -8.31 -19.96
CA ASP B 245 -8.70 -8.50 -21.12
C ASP B 245 -7.26 -8.11 -20.84
N LYS B 246 -7.10 -7.22 -19.87
CA LYS B 246 -5.77 -6.83 -19.39
C LYS B 246 -5.04 -7.95 -18.69
N GLY B 247 -5.76 -8.95 -18.22
CA GLY B 247 -5.12 -10.13 -17.62
C GLY B 247 -6.02 -10.69 -16.55
N CYS B 248 -6.11 -12.01 -16.51
CA CYS B 248 -6.94 -12.64 -15.51
C CYS B 248 -6.42 -14.02 -15.28
N TRP B 249 -6.38 -14.49 -14.04
CA TRP B 249 -5.73 -15.77 -13.75
C TRP B 249 -6.68 -16.72 -13.05
N THR B 250 -7.96 -16.32 -13.05
CA THR B 250 -8.98 -16.94 -12.24
C THR B 250 -10.21 -17.30 -13.05
N PRO B 251 -10.80 -18.48 -12.80
CA PRO B 251 -12.09 -18.70 -13.48
C PRO B 251 -13.10 -17.53 -13.33
N VAL B 252 -13.82 -17.26 -14.40
CA VAL B 252 -14.83 -16.20 -14.48
C VAL B 252 -16.22 -16.78 -14.79
N GLU B 253 -17.24 -16.35 -14.05
CA GLU B 253 -18.60 -16.66 -14.41
C GLU B 253 -19.31 -15.35 -14.78
N LYS B 254 -19.86 -15.27 -16.00
CA LYS B 254 -20.55 -14.06 -16.39
C LYS B 254 -21.98 -14.11 -15.92
N PHE B 255 -22.59 -12.96 -15.62
CA PHE B 255 -24.03 -12.91 -15.34
C PHE B 255 -24.77 -11.87 -16.17
N GLY B 256 -26.01 -12.18 -16.55
CA GLY B 256 -26.82 -11.40 -17.50
C GLY B 256 -26.58 -11.83 -18.95
N THR B 257 -26.06 -13.05 -19.15
CA THR B 257 -25.74 -13.58 -20.48
C THR B 257 -26.29 -15.00 -20.75
N GLU B 258 -26.62 -15.26 -22.01
CA GLU B 258 -27.13 -16.57 -22.48
C GLU B 258 -26.35 -17.76 -21.93
N HIS B 259 -25.02 -17.68 -21.99
CA HIS B 259 -24.15 -18.83 -21.66
C HIS B 259 -23.72 -18.88 -20.20
N GLY B 260 -23.90 -17.77 -19.49
CA GLY B 260 -23.65 -17.69 -18.07
C GLY B 260 -24.95 -17.72 -17.29
N TRP B 261 -25.00 -17.00 -16.16
CA TRP B 261 -26.21 -16.88 -15.37
C TRP B 261 -27.13 -15.85 -15.99
N GLN B 262 -28.41 -16.21 -16.10
CA GLN B 262 -29.42 -15.31 -16.62
C GLN B 262 -30.69 -15.32 -15.74
N ALA B 263 -31.32 -14.17 -15.58
CA ALA B 263 -32.60 -14.06 -14.93
C ALA B 263 -33.71 -14.21 -15.96
N GLY B 264 -34.74 -14.99 -15.63
CA GLY B 264 -35.87 -15.16 -16.53
C GLY B 264 -36.75 -13.93 -16.52
N GLU B 265 -37.84 -14.03 -17.29
CA GLU B 265 -38.88 -13.02 -17.32
C GLU B 265 -39.57 -12.98 -15.93
N ALA B 266 -39.78 -11.78 -15.38
CA ALA B 266 -40.47 -11.62 -14.09
C ALA B 266 -42.01 -11.79 -14.20
N ASN B 267 -42.64 -12.13 -13.07
CA ASN B 267 -44.06 -12.48 -12.98
C ASN B 267 -44.97 -11.37 -12.42
N ALA B 268 -46.28 -11.65 -12.43
CA ALA B 268 -47.25 -10.85 -11.67
C ALA B 268 -46.78 -10.59 -10.23
N ASP B 269 -46.48 -11.67 -9.48
CA ASP B 269 -46.01 -11.59 -8.09
C ASP B 269 -44.55 -11.15 -7.90
N GLY B 270 -43.81 -11.08 -9.01
CA GLY B 270 -42.41 -10.65 -8.97
C GLY B 270 -41.39 -11.77 -8.83
N SER B 271 -41.85 -13.02 -8.89
CA SER B 271 -40.93 -14.16 -8.95
C SER B 271 -40.37 -14.35 -10.39
N PHE B 272 -39.18 -14.93 -10.49
CA PHE B 272 -38.47 -15.12 -11.77
C PHE B 272 -37.51 -16.32 -11.70
N ASP B 273 -37.30 -16.97 -12.85
CA ASP B 273 -36.40 -18.10 -12.99
C ASP B 273 -34.92 -17.71 -13.10
N VAL B 274 -34.08 -18.43 -12.36
CA VAL B 274 -32.64 -18.35 -12.47
C VAL B 274 -32.12 -19.42 -13.44
N LEU B 275 -31.45 -18.99 -14.50
CA LEU B 275 -30.98 -19.88 -15.55
C LEU B 275 -29.45 -19.99 -15.51
N LEU B 276 -28.91 -21.19 -15.66
CA LEU B 276 -27.47 -21.36 -15.80
C LEU B 276 -27.17 -21.98 -17.15
N ASP B 277 -26.45 -21.25 -17.99
CA ASP B 277 -26.14 -21.71 -19.35
C ASP B 277 -27.42 -22.01 -20.16
N GLY B 278 -28.53 -21.36 -19.80
CA GLY B 278 -29.77 -21.55 -20.54
C GLY B 278 -30.75 -22.52 -19.90
N LYS B 279 -30.29 -23.29 -18.91
CA LYS B 279 -31.18 -24.24 -18.22
C LYS B 279 -31.70 -23.69 -16.89
N THR B 280 -32.95 -23.97 -16.57
CA THR B 280 -33.56 -23.55 -15.29
C THR B 280 -32.88 -24.27 -14.14
N ALA B 281 -32.52 -23.51 -13.10
CA ALA B 281 -31.79 -24.03 -11.94
C ALA B 281 -32.51 -23.72 -10.63
N GLY B 282 -33.40 -22.74 -10.66
CA GLY B 282 -34.11 -22.32 -9.48
C GLY B 282 -35.05 -21.19 -9.85
N ARG B 283 -35.74 -20.68 -8.83
CA ARG B 283 -36.78 -19.69 -8.97
C ARG B 283 -36.74 -18.87 -7.68
N VAL B 284 -36.72 -17.56 -7.82
CA VAL B 284 -36.71 -16.67 -6.66
C VAL B 284 -38.08 -16.06 -6.56
N LYS B 285 -38.72 -16.23 -5.42
CA LYS B 285 -39.98 -15.56 -5.20
C LYS B 285 -39.80 -14.62 -4.03
N TRP B 286 -39.41 -13.40 -4.34
CA TRP B 286 -39.20 -12.35 -3.36
C TRP B 286 -40.09 -11.16 -3.72
N ASP B 287 -40.11 -10.11 -2.90
CA ASP B 287 -40.91 -8.88 -3.27
C ASP B 287 -40.08 -7.66 -3.70
N LEU B 288 -38.89 -7.90 -4.23
CA LEU B 288 -38.13 -6.83 -4.87
C LEU B 288 -38.49 -6.73 -6.35
N MSE B 289 -38.44 -5.52 -6.89
CA MSE B 289 -38.70 -5.33 -8.31
C MSE B 289 -37.49 -4.68 -8.93
O MSE B 289 -36.65 -4.11 -8.23
CB MSE B 289 -39.93 -4.49 -8.53
CG MSE B 289 -41.24 -5.13 -8.10
SE MSE B 289 -42.22 -3.78 -7.13
CE MSE B 289 -40.79 -3.32 -5.81
N GLY B 290 -37.41 -4.79 -10.26
CA GLY B 290 -36.38 -4.11 -11.03
C GLY B 290 -35.39 -5.06 -11.64
N ARG B 291 -35.12 -4.89 -12.92
CA ARG B 291 -34.11 -5.69 -13.58
C ARG B 291 -32.79 -5.68 -12.81
N HIS B 292 -32.41 -4.52 -12.25
CA HIS B 292 -31.16 -4.39 -11.50
C HIS B 292 -31.10 -5.26 -10.26
N ASN B 293 -32.24 -5.47 -9.59
CA ASN B 293 -32.26 -6.34 -8.46
C ASN B 293 -32.12 -7.77 -8.92
N ARG B 294 -32.67 -8.07 -10.09
CA ARG B 294 -32.58 -9.42 -10.62
C ARG B 294 -31.13 -9.71 -10.98
N MSE B 295 -30.46 -8.75 -11.60
CA MSE B 295 -29.03 -8.86 -11.88
C MSE B 295 -28.23 -9.07 -10.58
O MSE B 295 -27.36 -9.96 -10.52
CB MSE B 295 -28.56 -7.60 -12.62
CG MSE B 295 -29.07 -7.49 -14.05
SE MSE B 295 -28.24 -8.87 -15.19
CE MSE B 295 -26.61 -7.88 -15.59
N ASN B 296 -28.52 -8.26 -9.55
CA ASN B 296 -27.86 -8.42 -8.26
C ASN B 296 -27.99 -9.90 -7.80
N ALA B 297 -29.21 -10.41 -7.77
CA ALA B 297 -29.49 -11.77 -7.28
C ALA B 297 -28.64 -12.81 -7.99
N LEU B 298 -28.41 -12.61 -9.28
CA LEU B 298 -27.63 -13.49 -10.11
C LEU B 298 -26.18 -13.55 -9.60
N ALA B 299 -25.62 -12.35 -9.36
CA ALA B 299 -24.28 -12.24 -8.80
C ALA B 299 -24.18 -12.97 -7.45
N VAL B 300 -25.20 -12.80 -6.62
CA VAL B 300 -25.16 -13.30 -5.26
C VAL B 300 -25.24 -14.83 -5.26
N ILE B 301 -26.08 -15.35 -6.13
CA ILE B 301 -26.21 -16.79 -6.30
C ILE B 301 -24.90 -17.47 -6.73
N ALA B 302 -24.22 -16.88 -7.70
CA ALA B 302 -23.02 -17.48 -8.24
C ALA B 302 -21.94 -17.44 -7.18
N ALA B 303 -21.83 -16.29 -6.55
CA ALA B 303 -20.90 -16.07 -5.45
C ALA B 303 -21.15 -17.04 -4.31
N ALA B 304 -22.41 -17.23 -3.92
CA ALA B 304 -22.74 -18.10 -2.79
C ALA B 304 -22.40 -19.56 -3.09
N ARG B 305 -22.64 -19.95 -4.33
CA ARG B 305 -22.31 -21.30 -4.79
C ARG B 305 -20.83 -21.59 -4.55
N HIS B 306 -19.98 -20.57 -4.72
CA HIS B 306 -18.54 -20.76 -4.67
C HIS B 306 -18.10 -21.14 -3.29
N VAL B 307 -18.80 -20.63 -2.31
CA VAL B 307 -18.53 -20.96 -0.93
C VAL B 307 -19.39 -22.15 -0.48
N GLY B 308 -20.04 -22.83 -1.41
CA GLY B 308 -20.80 -24.02 -1.09
C GLY B 308 -22.29 -23.90 -0.80
N VAL B 309 -22.94 -22.82 -1.22
CA VAL B 309 -24.39 -22.74 -1.09
C VAL B 309 -25.09 -23.24 -2.36
N ASP B 310 -25.90 -24.30 -2.22
CA ASP B 310 -26.78 -24.82 -3.29
C ASP B 310 -27.53 -23.66 -3.93
N ILE B 311 -27.78 -23.75 -5.23
CA ILE B 311 -28.58 -22.74 -5.91
C ILE B 311 -29.94 -22.68 -5.25
N GLN B 312 -30.51 -23.84 -5.00
CA GLN B 312 -31.82 -23.92 -4.34
C GLN B 312 -31.83 -23.17 -3.01
N THR B 313 -30.83 -23.42 -2.18
CA THR B 313 -30.76 -22.75 -0.88
C THR B 313 -30.58 -21.24 -1.09
N ALA B 314 -29.86 -20.84 -2.13
CA ALA B 314 -29.67 -19.40 -2.40
C ALA B 314 -31.00 -18.68 -2.72
N CYS B 315 -31.85 -19.38 -3.47
CA CYS B 315 -33.13 -18.86 -3.94
C CYS B 315 -34.14 -18.72 -2.83
N GLU B 316 -34.19 -19.71 -1.94
CA GLU B 316 -35.02 -19.60 -0.74
C GLU B 316 -34.52 -18.47 0.12
N ALA B 317 -33.21 -18.37 0.30
CA ALA B 317 -32.66 -17.23 1.05
C ALA B 317 -33.17 -15.86 0.55
N LEU B 318 -33.08 -15.62 -0.74
CA LEU B 318 -33.50 -14.33 -1.26
C LEU B 318 -34.98 -14.06 -1.07
N GLY B 319 -35.76 -15.14 -0.88
CA GLY B 319 -37.18 -15.07 -0.63
C GLY B 319 -37.42 -14.27 0.63
N ALA B 320 -36.56 -14.48 1.63
CA ALA B 320 -36.65 -13.73 2.89
C ALA B 320 -35.77 -12.48 2.94
N PHE B 321 -35.15 -12.09 1.83
CA PHE B 321 -34.36 -10.85 1.85
C PHE B 321 -35.26 -9.64 2.00
N LYS B 322 -34.84 -8.69 2.85
CA LYS B 322 -35.61 -7.44 2.95
C LYS B 322 -34.78 -6.25 2.47
N ASN B 323 -35.43 -5.35 1.73
CA ASN B 323 -34.85 -4.05 1.40
C ASN B 323 -34.76 -3.20 2.67
N VAL B 324 -33.77 -2.31 2.72
CA VAL B 324 -33.67 -1.32 3.81
C VAL B 324 -34.95 -0.47 3.83
N LYS B 325 -35.49 -0.20 5.02
CA LYS B 325 -36.69 0.64 5.17
C LYS B 325 -36.33 2.09 5.60
N ARG B 326 -36.93 3.07 4.90
CA ARG B 326 -36.66 4.51 5.09
C ARG B 326 -36.74 4.99 6.54
C1 GOL C . 0.84 -10.45 5.33
O1 GOL C . -0.36 -10.87 4.71
C2 GOL C . 0.75 -8.98 5.78
O2 GOL C . -0.30 -8.90 6.70
C3 GOL C . 0.33 -8.15 4.56
O3 GOL C . 1.17 -7.02 4.46
C1 GOL D . 4.27 2.51 11.29
O1 GOL D . 3.01 3.04 10.94
C2 GOL D . 4.22 0.97 11.23
O2 GOL D . 5.50 0.37 11.45
C3 GOL D . 3.54 0.47 9.95
O3 GOL D . 2.15 0.30 10.16
#